data_9EG0
# 
_entry.id   9EG0 
# 
_audit_conform.dict_name       mmcif_pdbx.dic 
_audit_conform.dict_version    5.403 
_audit_conform.dict_location   http://mmcif.pdb.org/dictionaries/ascii/mmcif_pdbx.dic 
# 
loop_
_database_2.database_id 
_database_2.database_code 
_database_2.pdbx_database_accession 
_database_2.pdbx_DOI 
PDB   9EG0         pdb_00009eg0 10.2210/pdb9eg0/pdb 
WWPDB D_1000289538 ?            ?                   
# 
loop_
_pdbx_audit_revision_history.ordinal 
_pdbx_audit_revision_history.data_content_type 
_pdbx_audit_revision_history.major_revision 
_pdbx_audit_revision_history.minor_revision 
_pdbx_audit_revision_history.revision_date 
_pdbx_audit_revision_history.part_number 
1 'Structure model' 1 0 2025-05-21 ? 
2 'Structure model' 1 1 2025-06-04 ? 
# 
_pdbx_audit_revision_details.ordinal             1 
_pdbx_audit_revision_details.revision_ordinal    1 
_pdbx_audit_revision_details.data_content_type   'Structure model' 
_pdbx_audit_revision_details.provider            repository 
_pdbx_audit_revision_details.type                'Initial release' 
_pdbx_audit_revision_details.description         ? 
_pdbx_audit_revision_details.details             ? 
# 
_pdbx_audit_revision_group.ordinal             1 
_pdbx_audit_revision_group.revision_ordinal    2 
_pdbx_audit_revision_group.data_content_type   'Structure model' 
_pdbx_audit_revision_group.group               'Database references' 
# 
loop_
_pdbx_audit_revision_category.ordinal 
_pdbx_audit_revision_category.revision_ordinal 
_pdbx_audit_revision_category.data_content_type 
_pdbx_audit_revision_category.category 
1 2 'Structure model' citation        
2 2 'Structure model' citation_author 
# 
loop_
_pdbx_audit_revision_item.ordinal 
_pdbx_audit_revision_item.revision_ordinal 
_pdbx_audit_revision_item.data_content_type 
_pdbx_audit_revision_item.item 
1 2 'Structure model' '_citation.journal_volume'          
2 2 'Structure model' '_citation.page_first'              
3 2 'Structure model' '_citation.page_last'               
4 2 'Structure model' '_citation_author.identifier_ORCID' 
# 
_pdbx_database_status.status_code                     REL 
_pdbx_database_status.status_code_sf                  REL 
_pdbx_database_status.status_code_mr                  ? 
_pdbx_database_status.entry_id                        9EG0 
_pdbx_database_status.recvd_initial_deposition_date   2024-11-20 
_pdbx_database_status.SG_entry                        N 
_pdbx_database_status.deposit_site                    RCSB 
_pdbx_database_status.process_site                    RCSB 
_pdbx_database_status.status_code_cs                  ? 
_pdbx_database_status.status_code_nmr_data            ? 
_pdbx_database_status.methods_development_category    ? 
_pdbx_database_status.pdb_format_compatible           Y 
# 
_pdbx_contact_author.id                 2 
_pdbx_contact_author.email              andyn@uic.edu 
_pdbx_contact_author.name_first         Andy 
_pdbx_contact_author.name_last          Nguyen 
_pdbx_contact_author.name_mi            I 
_pdbx_contact_author.role               'principal investigator/group leader' 
_pdbx_contact_author.identifier_ORCID   0000-0003-4137-6453 
# 
_audit_author.name               'Richardson-Matthews, R.M.' 
_audit_author.pdbx_ordinal       1 
_audit_author.identifier_ORCID   0000-0002-5871-0908 
# 
_citation.abstract                  ? 
_citation.abstract_id_CAS           ? 
_citation.book_id_ISBN              ? 
_citation.book_publisher            ? 
_citation.book_publisher_city       ? 
_citation.book_title                ? 
_citation.coordinate_linkage        ? 
_citation.country                   US 
_citation.database_id_Medline       ? 
_citation.details                   ? 
_citation.id                        primary 
_citation.journal_abbrev            J.Am.Chem.Soc. 
_citation.journal_id_ASTM           JACSAT 
_citation.journal_id_CSD            ? 
_citation.journal_id_ISSN           1520-5126 
_citation.journal_full              ? 
_citation.journal_issue             ? 
_citation.journal_volume            147 
_citation.language                  ? 
_citation.page_first                17433 
_citation.page_last                 17447 
_citation.title                     'Metal-alpha-Helix Peptide Frameworks.' 
_citation.year                      2025 
_citation.database_id_CSD           ? 
_citation.pdbx_database_id_DOI      10.1021/jacs.5c04078 
_citation.pdbx_database_id_PubMed   40328673 
_citation.pdbx_database_id_patent   ? 
_citation.unpublished_flag          ? 
# 
loop_
_citation_author.citation_id 
_citation_author.name 
_citation_author.ordinal 
_citation_author.identifier_ORCID 
primary 'Richardson-Matthews, R.' 1 ? 
primary 'Velko, K.'               2 ? 
primary 'Bhunia, B.'              3 ? 
primary 'Ghosh, S.'               4 ? 
primary 'Oktawiec, J.'            5 ? 
primary 'Brunzelle, J.S.'         6 ? 
primary 'Dang, V.T.'              7 ? 
primary 'Nguyen, A.I.'            8 ? 
# 
loop_
_entity.id 
_entity.type 
_entity.src_method 
_entity.pdbx_description 
_entity.formula_weight 
_entity.pdbx_number_of_molecules 
_entity.pdbx_ec 
_entity.pdbx_mutation 
_entity.pdbx_fragment 
_entity.details 
1 polymer     syn Co-MAHF-9         975.187 1 ? ? ? ? 
2 non-polymer syn METHANOL          32.042  2 ? ? ? ? 
3 non-polymer syn 'COBALT (II) ION' 58.933  1 ? ? ? ? 
4 water       nat water             18.015  5 ? ? ? ? 
# 
_entity_poly.entity_id                      1 
_entity_poly.type                           'polypeptide(L)' 
_entity_poly.nstd_linkage                   no 
_entity_poly.nstd_monomer                   yes 
_entity_poly.pdbx_seq_one_letter_code       '(ACE)L(AIB)E(AIB)LHA(AIB)L(NH2)' 
_entity_poly.pdbx_seq_one_letter_code_can   XLAEALHAALX 
_entity_poly.pdbx_strand_id                 A 
_entity_poly.pdbx_target_identifier         ? 
# 
loop_
_pdbx_entity_nonpoly.entity_id 
_pdbx_entity_nonpoly.name 
_pdbx_entity_nonpoly.comp_id 
2 METHANOL          MOH 
3 'COBALT (II) ION' CO  
4 water             HOH 
# 
loop_
_entity_poly_seq.entity_id 
_entity_poly_seq.num 
_entity_poly_seq.mon_id 
_entity_poly_seq.hetero 
1 1  ACE n 
1 2  LEU n 
1 3  AIB n 
1 4  GLU n 
1 5  AIB n 
1 6  LEU n 
1 7  HIS n 
1 8  ALA n 
1 9  AIB n 
1 10 LEU n 
1 11 NH2 n 
# 
_pdbx_entity_src_syn.entity_id              1 
_pdbx_entity_src_syn.pdbx_src_id            1 
_pdbx_entity_src_syn.pdbx_alt_source_flag   sample 
_pdbx_entity_src_syn.pdbx_beg_seq_num       1 
_pdbx_entity_src_syn.pdbx_end_seq_num       11 
_pdbx_entity_src_syn.organism_scientific    'synthetic construct' 
_pdbx_entity_src_syn.organism_common_name   ? 
_pdbx_entity_src_syn.ncbi_taxonomy_id       32630 
_pdbx_entity_src_syn.details                ? 
# 
loop_
_chem_comp.id 
_chem_comp.type 
_chem_comp.mon_nstd_flag 
_chem_comp.name 
_chem_comp.pdbx_synonyms 
_chem_comp.formula 
_chem_comp.formula_weight 
ACE non-polymer         . 'ACETYL GROUP'               ? 'C2 H4 O'        44.053  
AIB 'L-peptide linking' n 'ALPHA-AMINOISOBUTYRIC ACID' ? 'C4 H9 N O2'     103.120 
ALA 'L-peptide linking' y ALANINE                      ? 'C3 H7 N O2'     89.093  
CO  non-polymer         . 'COBALT (II) ION'            ? 'Co 2'           58.933  
GLU 'L-peptide linking' y 'GLUTAMIC ACID'              ? 'C5 H9 N O4'     147.129 
HIS 'L-peptide linking' y HISTIDINE                    ? 'C6 H10 N3 O2 1' 156.162 
HOH non-polymer         . WATER                        ? 'H2 O'           18.015  
LEU 'L-peptide linking' y LEUCINE                      ? 'C6 H13 N O2'    131.173 
MOH non-polymer         . METHANOL                     ? 'C H4 O'         32.042  
NH2 non-polymer         . 'AMINO GROUP'                ? 'H2 N'           16.023  
# 
loop_
_pdbx_poly_seq_scheme.asym_id 
_pdbx_poly_seq_scheme.entity_id 
_pdbx_poly_seq_scheme.seq_id 
_pdbx_poly_seq_scheme.mon_id 
_pdbx_poly_seq_scheme.ndb_seq_num 
_pdbx_poly_seq_scheme.pdb_seq_num 
_pdbx_poly_seq_scheme.auth_seq_num 
_pdbx_poly_seq_scheme.pdb_mon_id 
_pdbx_poly_seq_scheme.auth_mon_id 
_pdbx_poly_seq_scheme.pdb_strand_id 
_pdbx_poly_seq_scheme.pdb_ins_code 
_pdbx_poly_seq_scheme.hetero 
A 1 1  ACE 1  1  1  ACE ACY A . n 
A 1 2  LEU 2  2  2  LEU LEU A . n 
A 1 3  AIB 3  3  3  AIB AIB A . n 
A 1 4  GLU 4  4  4  GLU GLU A . n 
A 1 5  AIB 5  5  5  AIB AIB A . n 
A 1 6  LEU 6  6  6  LEU LEU A . n 
A 1 7  HIS 7  7  7  HIS HIS A . n 
A 1 8  ALA 8  8  8  ALA ALA A . n 
A 1 9  AIB 9  9  9  AIB AIB A . n 
A 1 10 LEU 10 10 10 LEU LEU A . n 
A 1 11 NH2 11 11 11 NH2 NH3 A . n 
# 
loop_
_pdbx_nonpoly_scheme.asym_id 
_pdbx_nonpoly_scheme.entity_id 
_pdbx_nonpoly_scheme.mon_id 
_pdbx_nonpoly_scheme.ndb_seq_num 
_pdbx_nonpoly_scheme.pdb_seq_num 
_pdbx_nonpoly_scheme.auth_seq_num 
_pdbx_nonpoly_scheme.pdb_mon_id 
_pdbx_nonpoly_scheme.auth_mon_id 
_pdbx_nonpoly_scheme.pdb_strand_id 
_pdbx_nonpoly_scheme.pdb_ins_code 
B 2 MOH 1 101 6 MOH MOH A . 
C 2 MOH 1 102 7 MOH MOH A . 
D 3 CO  1 103 1 CO  CO  A . 
E 4 HOH 1 201 1 HOH HOH A . 
E 4 HOH 2 202 3 HOH HOH A . 
E 4 HOH 3 203 4 HOH HOH A . 
E 4 HOH 4 204 2 HOH HOH A . 
E 4 HOH 5 205 5 HOH HOH A . 
# 
loop_
_software.citation_id 
_software.classification 
_software.compiler_name 
_software.compiler_version 
_software.contact_author 
_software.contact_author_email 
_software.date 
_software.description 
_software.dependencies 
_software.hardware 
_software.language 
_software.location 
_software.mods 
_software.name 
_software.os 
_software.os_version 
_software.type 
_software.version 
_software.pdbx_ordinal 
? refinement       ? ? ? ? ? ? ? ? ? ? ? PHENIX ? ? ? 1.20.1_4487 1 
? 'data reduction' ? ? ? ? ? ? ? ? ? ? ? XDS    ? ? ? .           2 
? 'data scaling'   ? ? ? ? ? ? ? ? ? ? ? XDS    ? ? ? .           3 
? phasing          ? ? ? ? ? ? ? ? ? ? ? PHASER ? ? ? .           4 
# 
_cell.angle_alpha                  90.000 
_cell.angle_alpha_esd              ? 
_cell.angle_beta                   93.720 
_cell.angle_beta_esd               ? 
_cell.angle_gamma                  90.000 
_cell.angle_gamma_esd              ? 
_cell.entry_id                     9EG0 
_cell.details                      ? 
_cell.formula_units_Z              ? 
_cell.length_a                     30.067 
_cell.length_a_esd                 ? 
_cell.length_b                     12.400 
_cell.length_b_esd                 ? 
_cell.length_c                     17.347 
_cell.length_c_esd                 ? 
_cell.volume                       6453.869 
_cell.volume_esd                   ? 
_cell.Z_PDB                        4 
_cell.reciprocal_angle_alpha       ? 
_cell.reciprocal_angle_beta        ? 
_cell.reciprocal_angle_gamma       ? 
_cell.reciprocal_angle_alpha_esd   ? 
_cell.reciprocal_angle_beta_esd    ? 
_cell.reciprocal_angle_gamma_esd   ? 
_cell.reciprocal_length_a          ? 
_cell.reciprocal_length_b          ? 
_cell.reciprocal_length_c          ? 
_cell.reciprocal_length_a_esd      ? 
_cell.reciprocal_length_b_esd      ? 
_cell.reciprocal_length_c_esd      ? 
_cell.pdbx_unique_axis             ? 
_cell.pdbx_esd_method              ? 
# 
_symmetry.entry_id                         9EG0 
_symmetry.cell_setting                     ? 
_symmetry.Int_Tables_number                5 
_symmetry.space_group_name_Hall            'C 2y' 
_symmetry.space_group_name_H-M             'C 1 2 1' 
_symmetry.pdbx_full_space_group_name_H-M   ? 
# 
_exptl.absorpt_coefficient_mu     ? 
_exptl.absorpt_correction_T_max   ? 
_exptl.absorpt_correction_T_min   ? 
_exptl.absorpt_correction_type    ? 
_exptl.absorpt_process_details    ? 
_exptl.entry_id                   9EG0 
_exptl.crystals_number            1 
_exptl.details                    ? 
_exptl.method                     'X-RAY DIFFRACTION' 
_exptl.method_details             ? 
# 
_exptl_crystal.colour                       ? 
_exptl_crystal.density_diffrn               ? 
_exptl_crystal.density_Matthews             1.63 
_exptl_crystal.density_method               ? 
_exptl_crystal.density_percent_sol          24.36 
_exptl_crystal.description                  ? 
_exptl_crystal.F_000                        ? 
_exptl_crystal.id                           1 
_exptl_crystal.preparation                  ? 
_exptl_crystal.size_max                     ? 
_exptl_crystal.size_mid                     ? 
_exptl_crystal.size_min                     ? 
_exptl_crystal.size_rad                     ? 
_exptl_crystal.colour_lustre                ? 
_exptl_crystal.colour_modifier              ? 
_exptl_crystal.colour_primary               ? 
_exptl_crystal.density_meas                 ? 
_exptl_crystal.density_meas_esd             ? 
_exptl_crystal.density_meas_gt              ? 
_exptl_crystal.density_meas_lt              ? 
_exptl_crystal.density_meas_temp            ? 
_exptl_crystal.density_meas_temp_esd        ? 
_exptl_crystal.density_meas_temp_gt         ? 
_exptl_crystal.density_meas_temp_lt         ? 
_exptl_crystal.pdbx_crystal_image_url       ? 
_exptl_crystal.pdbx_crystal_image_format    ? 
_exptl_crystal.pdbx_mosaicity               ? 
_exptl_crystal.pdbx_mosaicity_esd           ? 
_exptl_crystal.pdbx_mosaic_method           ? 
_exptl_crystal.pdbx_mosaic_block_size       ? 
_exptl_crystal.pdbx_mosaic_block_size_esd   ? 
# 
_exptl_crystal_grow.apparatus       ? 
_exptl_crystal_grow.atmosphere      ? 
_exptl_crystal_grow.crystal_id      1 
_exptl_crystal_grow.details         ? 
_exptl_crystal_grow.method          'SLOW COOLING' 
_exptl_crystal_grow.method_ref      ? 
_exptl_crystal_grow.pH              ? 
_exptl_crystal_grow.pressure        ? 
_exptl_crystal_grow.pressure_esd    ? 
_exptl_crystal_grow.seeding         ? 
_exptl_crystal_grow.seeding_ref     ? 
_exptl_crystal_grow.temp_details    ? 
_exptl_crystal_grow.temp_esd        ? 
_exptl_crystal_grow.time            ? 
_exptl_crystal_grow.pdbx_details    'water, acetonitrile, methanol, cobalt acetate' 
_exptl_crystal_grow.pdbx_pH_range   ? 
_exptl_crystal_grow.temp            298 
# 
_diffrn.ambient_environment              ? 
_diffrn.ambient_temp                     100 
_diffrn.ambient_temp_details             ? 
_diffrn.ambient_temp_esd                 ? 
_diffrn.crystal_id                       1 
_diffrn.crystal_support                  ? 
_diffrn.crystal_treatment                ? 
_diffrn.details                          ? 
_diffrn.id                               1 
_diffrn.ambient_pressure                 ? 
_diffrn.ambient_pressure_esd             ? 
_diffrn.ambient_pressure_gt              ? 
_diffrn.ambient_pressure_lt              ? 
_diffrn.ambient_temp_gt                  ? 
_diffrn.ambient_temp_lt                  ? 
_diffrn.pdbx_serial_crystal_experiment   N 
# 
_diffrn_detector.details                      ? 
_diffrn_detector.detector                     PIXEL 
_diffrn_detector.diffrn_id                    1 
_diffrn_detector.type                         'DECTRIS EIGER X 9M' 
_diffrn_detector.area_resol_mean              ? 
_diffrn_detector.dtime                        ? 
_diffrn_detector.pdbx_frames_total            ? 
_diffrn_detector.pdbx_collection_time_total   ? 
_diffrn_detector.pdbx_collection_date         2022-04-23 
_diffrn_detector.pdbx_frequency               ? 
_diffrn_detector.id                           ? 
_diffrn_detector.number_of_axes               ? 
# 
_diffrn_radiation.collimation                      ? 
_diffrn_radiation.diffrn_id                        1 
_diffrn_radiation.filter_edge                      ? 
_diffrn_radiation.inhomogeneity                    ? 
_diffrn_radiation.monochromator                    ? 
_diffrn_radiation.polarisn_norm                    ? 
_diffrn_radiation.polarisn_ratio                   ? 
_diffrn_radiation.probe                            ? 
_diffrn_radiation.type                             ? 
_diffrn_radiation.xray_symbol                      ? 
_diffrn_radiation.wavelength_id                    1 
_diffrn_radiation.pdbx_monochromatic_or_laue_m_l   M 
_diffrn_radiation.pdbx_wavelength_list             ? 
_diffrn_radiation.pdbx_wavelength                  ? 
_diffrn_radiation.pdbx_diffrn_protocol             'SINGLE WAVELENGTH' 
_diffrn_radiation.pdbx_analyzer                    ? 
_diffrn_radiation.pdbx_scattering_type             x-ray 
# 
_diffrn_radiation_wavelength.id           1 
_diffrn_radiation_wavelength.wavelength   0.619920 
_diffrn_radiation_wavelength.wt           1.0 
# 
_diffrn_source.current                     ? 
_diffrn_source.details                     ? 
_diffrn_source.diffrn_id                   1 
_diffrn_source.power                       ? 
_diffrn_source.size                        ? 
_diffrn_source.source                      SYNCHROTRON 
_diffrn_source.target                      ? 
_diffrn_source.type                        'APS BEAMLINE 21-ID-D' 
_diffrn_source.voltage                     ? 
_diffrn_source.take-off_angle              ? 
_diffrn_source.pdbx_wavelength_list        0.619920 
_diffrn_source.pdbx_wavelength             ? 
_diffrn_source.pdbx_synchrotron_beamline   21-ID-D 
_diffrn_source.pdbx_synchrotron_site       APS 
# 
_reflns.B_iso_Wilson_estimate                          7.44 
_reflns.entry_id                                       9EG0 
_reflns.data_reduction_details                         ? 
_reflns.data_reduction_method                          ? 
_reflns.d_resolution_high                              0.92 
_reflns.d_resolution_low                               11.72 
_reflns.details                                        ? 
_reflns.limit_h_max                                    ? 
_reflns.limit_h_min                                    ? 
_reflns.limit_k_max                                    ? 
_reflns.limit_k_min                                    ? 
_reflns.limit_l_max                                    ? 
_reflns.limit_l_min                                    ? 
_reflns.number_all                                     ? 
_reflns.number_obs                                     4490 
_reflns.observed_criterion                             ? 
_reflns.observed_criterion_F_max                       ? 
_reflns.observed_criterion_F_min                       ? 
_reflns.observed_criterion_I_max                       ? 
_reflns.observed_criterion_I_min                       ? 
_reflns.observed_criterion_sigma_F                     ? 
_reflns.observed_criterion_sigma_I                     ? 
_reflns.percent_possible_obs                           97.63 
_reflns.R_free_details                                 ? 
_reflns.Rmerge_F_all                                   ? 
_reflns.Rmerge_F_obs                                   ? 
_reflns.Friedel_coverage                               ? 
_reflns.number_gt                                      ? 
_reflns.threshold_expression                           ? 
_reflns.pdbx_redundancy                                6.3 
_reflns.pdbx_netI_over_av_sigmaI                       ? 
_reflns.pdbx_netI_over_sigmaI                          14.32 
_reflns.pdbx_res_netI_over_av_sigmaI_2                 ? 
_reflns.pdbx_res_netI_over_sigmaI_2                    ? 
_reflns.pdbx_chi_squared                               ? 
_reflns.pdbx_scaling_rejects                           ? 
_reflns.pdbx_d_res_high_opt                            ? 
_reflns.pdbx_d_res_low_opt                             ? 
_reflns.pdbx_d_res_opt_method                          ? 
_reflns.phase_calculation_details                      ? 
_reflns.pdbx_Rrim_I_all                                ? 
_reflns.pdbx_Rpim_I_all                                ? 
_reflns.pdbx_d_opt                                     ? 
_reflns.pdbx_number_measured_all                       ? 
_reflns.pdbx_diffrn_id                                 1 
_reflns.pdbx_ordinal                                   1 
_reflns.pdbx_CC_half                                   0.999 
_reflns.pdbx_CC_star                                   ? 
_reflns.pdbx_R_split                                   ? 
_reflns.pdbx_Rmerge_I_obs                              ? 
_reflns.pdbx_Rmerge_I_all                              ? 
_reflns.pdbx_Rsym_value                                ? 
_reflns.pdbx_CC_split_method                           ? 
_reflns.pdbx_aniso_diffraction_limit_axis_1_ortho[1]   ? 
_reflns.pdbx_aniso_diffraction_limit_axis_1_ortho[2]   ? 
_reflns.pdbx_aniso_diffraction_limit_axis_1_ortho[3]   ? 
_reflns.pdbx_aniso_diffraction_limit_axis_2_ortho[1]   ? 
_reflns.pdbx_aniso_diffraction_limit_axis_2_ortho[2]   ? 
_reflns.pdbx_aniso_diffraction_limit_axis_2_ortho[3]   ? 
_reflns.pdbx_aniso_diffraction_limit_axis_3_ortho[1]   ? 
_reflns.pdbx_aniso_diffraction_limit_axis_3_ortho[2]   ? 
_reflns.pdbx_aniso_diffraction_limit_axis_3_ortho[3]   ? 
_reflns.pdbx_aniso_diffraction_limit_1                 ? 
_reflns.pdbx_aniso_diffraction_limit_2                 ? 
_reflns.pdbx_aniso_diffraction_limit_3                 ? 
_reflns.pdbx_aniso_B_tensor_eigenvector_1_ortho[1]     ? 
_reflns.pdbx_aniso_B_tensor_eigenvector_1_ortho[2]     ? 
_reflns.pdbx_aniso_B_tensor_eigenvector_1_ortho[3]     ? 
_reflns.pdbx_aniso_B_tensor_eigenvector_2_ortho[1]     ? 
_reflns.pdbx_aniso_B_tensor_eigenvector_2_ortho[2]     ? 
_reflns.pdbx_aniso_B_tensor_eigenvector_2_ortho[3]     ? 
_reflns.pdbx_aniso_B_tensor_eigenvector_3_ortho[1]     ? 
_reflns.pdbx_aniso_B_tensor_eigenvector_3_ortho[2]     ? 
_reflns.pdbx_aniso_B_tensor_eigenvector_3_ortho[3]     ? 
_reflns.pdbx_aniso_B_tensor_eigenvalue_1               ? 
_reflns.pdbx_aniso_B_tensor_eigenvalue_2               ? 
_reflns.pdbx_aniso_B_tensor_eigenvalue_3               ? 
_reflns.pdbx_orthogonalization_convention              ? 
_reflns.pdbx_percent_possible_ellipsoidal              ? 
_reflns.pdbx_percent_possible_spherical                ? 
_reflns.pdbx_percent_possible_ellipsoidal_anomalous    ? 
_reflns.pdbx_percent_possible_spherical_anomalous      ? 
_reflns.pdbx_redundancy_anomalous                      ? 
_reflns.pdbx_CC_half_anomalous                         ? 
_reflns.pdbx_absDiff_over_sigma_anomalous              ? 
_reflns.pdbx_percent_possible_anomalous                ? 
_reflns.pdbx_observed_signal_threshold                 ? 
_reflns.pdbx_signal_type                               ? 
_reflns.pdbx_signal_details                            ? 
_reflns.pdbx_signal_software_id                        ? 
# 
_reflns_shell.d_res_high                                    0.92 
_reflns_shell.d_res_low                                     0.9529 
_reflns_shell.meanI_over_sigI_all                           ? 
_reflns_shell.meanI_over_sigI_obs                           ? 
_reflns_shell.number_measured_all                           ? 
_reflns_shell.number_measured_obs                           ? 
_reflns_shell.number_possible                               ? 
_reflns_shell.number_unique_all                             ? 
_reflns_shell.number_unique_obs                             459 
_reflns_shell.percent_possible_obs                          ? 
_reflns_shell.Rmerge_F_all                                  ? 
_reflns_shell.Rmerge_F_obs                                  ? 
_reflns_shell.meanI_over_sigI_gt                            ? 
_reflns_shell.meanI_over_uI_all                             ? 
_reflns_shell.meanI_over_uI_gt                              ? 
_reflns_shell.number_measured_gt                            ? 
_reflns_shell.number_unique_gt                              ? 
_reflns_shell.percent_possible_gt                           ? 
_reflns_shell.Rmerge_F_gt                                   ? 
_reflns_shell.Rmerge_I_gt                                   ? 
_reflns_shell.pdbx_redundancy                               ? 
_reflns_shell.pdbx_chi_squared                              ? 
_reflns_shell.pdbx_netI_over_sigmaI_all                     ? 
_reflns_shell.pdbx_netI_over_sigmaI_obs                     ? 
_reflns_shell.pdbx_Rrim_I_all                               ? 
_reflns_shell.pdbx_Rpim_I_all                               ? 
_reflns_shell.pdbx_rejects                                  ? 
_reflns_shell.pdbx_ordinal                                  1 
_reflns_shell.pdbx_diffrn_id                                1 
_reflns_shell.pdbx_CC_half                                  0.973 
_reflns_shell.pdbx_CC_star                                  ? 
_reflns_shell.pdbx_R_split                                  ? 
_reflns_shell.percent_possible_all                          ? 
_reflns_shell.Rmerge_I_all                                  ? 
_reflns_shell.Rmerge_I_obs                                  ? 
_reflns_shell.pdbx_Rsym_value                               ? 
_reflns_shell.pdbx_percent_possible_ellipsoidal             ? 
_reflns_shell.pdbx_percent_possible_spherical               ? 
_reflns_shell.pdbx_percent_possible_ellipsoidal_anomalous   ? 
_reflns_shell.pdbx_percent_possible_spherical_anomalous     ? 
_reflns_shell.pdbx_redundancy_anomalous                     ? 
_reflns_shell.pdbx_CC_half_anomalous                        ? 
_reflns_shell.pdbx_absDiff_over_sigma_anomalous             ? 
_reflns_shell.pdbx_percent_possible_anomalous               ? 
# 
_refine.aniso_B[1][1]                            ? 
_refine.aniso_B[1][2]                            ? 
_refine.aniso_B[1][3]                            ? 
_refine.aniso_B[2][2]                            ? 
_refine.aniso_B[2][3]                            ? 
_refine.aniso_B[3][3]                            ? 
_refine.B_iso_max                                ? 
_refine.B_iso_mean                               10.78 
_refine.B_iso_min                                ? 
_refine.correlation_coeff_Fo_to_Fc               ? 
_refine.correlation_coeff_Fo_to_Fc_free          ? 
_refine.details                                  ? 
_refine.diff_density_max                         ? 
_refine.diff_density_max_esd                     ? 
_refine.diff_density_min                         ? 
_refine.diff_density_min_esd                     ? 
_refine.diff_density_rms                         ? 
_refine.diff_density_rms_esd                     ? 
_refine.entry_id                                 9EG0 
_refine.pdbx_refine_id                           'X-RAY DIFFRACTION' 
_refine.ls_abs_structure_details                 ? 
_refine.ls_abs_structure_Flack                   ? 
_refine.ls_abs_structure_Flack_esd               ? 
_refine.ls_abs_structure_Rogers                  ? 
_refine.ls_abs_structure_Rogers_esd              ? 
_refine.ls_d_res_high                            0.92 
_refine.ls_d_res_low                             11.72 
_refine.ls_extinction_coef                       ? 
_refine.ls_extinction_coef_esd                   ? 
_refine.ls_extinction_expression                 ? 
_refine.ls_extinction_method                     ? 
_refine.ls_goodness_of_fit_all                   ? 
_refine.ls_goodness_of_fit_all_esd               ? 
_refine.ls_goodness_of_fit_obs                   ? 
_refine.ls_goodness_of_fit_obs_esd               ? 
_refine.ls_hydrogen_treatment                    ? 
_refine.ls_matrix_type                           ? 
_refine.ls_number_constraints                    ? 
_refine.ls_number_parameters                     ? 
_refine.ls_number_reflns_all                     ? 
_refine.ls_number_reflns_obs                     4490 
_refine.ls_number_reflns_R_free                  842 
_refine.ls_number_reflns_R_work                  7564 
_refine.ls_number_restraints                     ? 
_refine.ls_percent_reflns_obs                    96.65 
_refine.ls_percent_reflns_R_free                 10.02 
_refine.ls_R_factor_all                          ? 
_refine.ls_R_factor_obs                          0.1486 
_refine.ls_R_factor_R_free                       0.1681 
_refine.ls_R_factor_R_free_error                 ? 
_refine.ls_R_factor_R_free_error_details         ? 
_refine.ls_R_factor_R_work                       0.1465 
_refine.ls_R_Fsqd_factor_obs                     ? 
_refine.ls_R_I_factor_obs                        ? 
_refine.ls_redundancy_reflns_all                 ? 
_refine.ls_redundancy_reflns_obs                 ? 
_refine.ls_restrained_S_all                      ? 
_refine.ls_restrained_S_obs                      ? 
_refine.ls_shift_over_esd_max                    ? 
_refine.ls_shift_over_esd_mean                   ? 
_refine.ls_structure_factor_coef                 ? 
_refine.ls_weighting_details                     ? 
_refine.ls_weighting_scheme                      ? 
_refine.ls_wR_factor_all                         ? 
_refine.ls_wR_factor_obs                         ? 
_refine.ls_wR_factor_R_free                      ? 
_refine.ls_wR_factor_R_work                      ? 
_refine.occupancy_max                            ? 
_refine.occupancy_min                            ? 
_refine.solvent_model_details                    'FLAT BULK SOLVENT MODEL' 
_refine.solvent_model_param_bsol                 ? 
_refine.solvent_model_param_ksol                 ? 
_refine.pdbx_R_complete                          ? 
_refine.ls_R_factor_gt                           ? 
_refine.ls_goodness_of_fit_gt                    ? 
_refine.ls_goodness_of_fit_ref                   ? 
_refine.ls_shift_over_su_max                     ? 
_refine.ls_shift_over_su_max_lt                  ? 
_refine.ls_shift_over_su_mean                    ? 
_refine.ls_shift_over_su_mean_lt                 ? 
_refine.pdbx_ls_sigma_I                          ? 
_refine.pdbx_ls_sigma_F                          1.35 
_refine.pdbx_ls_sigma_Fsqd                       ? 
_refine.pdbx_data_cutoff_high_absF               ? 
_refine.pdbx_data_cutoff_high_rms_absF           ? 
_refine.pdbx_data_cutoff_low_absF                ? 
_refine.pdbx_isotropic_thermal_model             ? 
_refine.pdbx_ls_cross_valid_method               'FREE R-VALUE' 
_refine.pdbx_method_to_determine_struct          'MOLECULAR REPLACEMENT' 
_refine.pdbx_starting_model                      ? 
_refine.pdbx_stereochemistry_target_values       'GeoStd + Monomer Library + CDL v1.2' 
_refine.pdbx_R_Free_selection_details            ? 
_refine.pdbx_stereochem_target_val_spec_case     ? 
_refine.pdbx_overall_ESU_R                       ? 
_refine.pdbx_overall_ESU_R_Free                  ? 
_refine.pdbx_solvent_vdw_probe_radii             1.1000 
_refine.pdbx_solvent_ion_probe_radii             ? 
_refine.pdbx_solvent_shrinkage_radii             0.9000 
_refine.pdbx_real_space_R                        ? 
_refine.pdbx_density_correlation                 ? 
_refine.pdbx_pd_number_of_powder_patterns        ? 
_refine.pdbx_pd_number_of_points                 ? 
_refine.pdbx_pd_meas_number_of_points            ? 
_refine.pdbx_pd_proc_ls_prof_R_factor            ? 
_refine.pdbx_pd_proc_ls_prof_wR_factor           ? 
_refine.pdbx_pd_Marquardt_correlation_coeff      ? 
_refine.pdbx_pd_Fsqrd_R_factor                   ? 
_refine.pdbx_pd_ls_matrix_band_width             ? 
_refine.pdbx_overall_phase_error                 29.0519 
_refine.pdbx_overall_SU_R_free_Cruickshank_DPI   ? 
_refine.pdbx_overall_SU_R_free_Blow_DPI          ? 
_refine.pdbx_overall_SU_R_Blow_DPI               ? 
_refine.pdbx_TLS_residual_ADP_flag               ? 
_refine.pdbx_diffrn_id                           1 
_refine.overall_SU_B                             ? 
_refine.overall_SU_ML                            0.0822 
_refine.overall_SU_R_Cruickshank_DPI             ? 
_refine.overall_SU_R_free                        ? 
_refine.overall_FOM_free_R_set                   ? 
_refine.overall_FOM_work_R_set                   ? 
_refine.pdbx_average_fsc_overall                 ? 
_refine.pdbx_average_fsc_work                    ? 
_refine.pdbx_average_fsc_free                    ? 
# 
_refine_hist.pdbx_refine_id                   'X-RAY DIFFRACTION' 
_refine_hist.cycle_id                         LAST 
_refine_hist.details                          ? 
_refine_hist.d_res_high                       0.92 
_refine_hist.d_res_low                        11.72 
_refine_hist.number_atoms_solvent             5 
_refine_hist.number_atoms_total               80 
_refine_hist.number_reflns_all                ? 
_refine_hist.number_reflns_obs                ? 
_refine_hist.number_reflns_R_free             ? 
_refine_hist.number_reflns_R_work             ? 
_refine_hist.R_factor_all                     ? 
_refine_hist.R_factor_obs                     ? 
_refine_hist.R_factor_R_free                  ? 
_refine_hist.R_factor_R_work                  ? 
_refine_hist.pdbx_number_residues_total       ? 
_refine_hist.pdbx_B_iso_mean_ligand           ? 
_refine_hist.pdbx_B_iso_mean_solvent          ? 
_refine_hist.pdbx_number_atoms_protein        66 
_refine_hist.pdbx_number_atoms_nucleic_acid   0 
_refine_hist.pdbx_number_atoms_ligand         9 
_refine_hist.pdbx_number_atoms_lipid          ? 
_refine_hist.pdbx_number_atoms_carb           ? 
_refine_hist.pdbx_pseudo_atom_details         ? 
# 
loop_
_refine_ls_restr.pdbx_refine_id 
_refine_ls_restr.criterion 
_refine_ls_restr.dev_ideal 
_refine_ls_restr.dev_ideal_target 
_refine_ls_restr.number 
_refine_ls_restr.rejects 
_refine_ls_restr.type 
_refine_ls_restr.weight 
_refine_ls_restr.pdbx_restraint_function 
'X-RAY DIFFRACTION' ? 0.0097  ? 70 ? f_bond_d           ? ? 
'X-RAY DIFFRACTION' ? 1.6598  ? 95 ? f_angle_d          ? ? 
'X-RAY DIFFRACTION' ? 0.0685  ? 9  ? f_chiral_restr     ? ? 
'X-RAY DIFFRACTION' ? 0.0084  ? 10 ? f_plane_restr      ? ? 
'X-RAY DIFFRACTION' ? 24.9197 ? 11 ? f_dihedral_angle_d ? ? 
# 
loop_
_refine_ls_shell.pdbx_refine_id 
_refine_ls_shell.d_res_high 
_refine_ls_shell.d_res_low 
_refine_ls_shell.number_reflns_all 
_refine_ls_shell.number_reflns_obs 
_refine_ls_shell.number_reflns_R_free 
_refine_ls_shell.number_reflns_R_work 
_refine_ls_shell.percent_reflns_obs 
_refine_ls_shell.percent_reflns_R_free 
_refine_ls_shell.R_factor_all 
_refine_ls_shell.R_factor_obs 
_refine_ls_shell.R_factor_R_free_error 
_refine_ls_shell.R_factor_R_work 
_refine_ls_shell.redundancy_reflns_all 
_refine_ls_shell.redundancy_reflns_obs 
_refine_ls_shell.wR_factor_all 
_refine_ls_shell.wR_factor_obs 
_refine_ls_shell.wR_factor_R_free 
_refine_ls_shell.wR_factor_R_work 
_refine_ls_shell.pdbx_R_complete 
_refine_ls_shell.pdbx_total_number_of_bins_used 
_refine_ls_shell.pdbx_phase_error 
_refine_ls_shell.pdbx_fsc_work 
_refine_ls_shell.pdbx_fsc_free 
_refine_ls_shell.R_factor_R_free 
'X-RAY DIFFRACTION' 0.92 0.98  . . 151 1252 96.49 . . . . 0.2795 . . . . . . . . . . . 0.2748 
'X-RAY DIFFRACTION' 0.98 1.05  . . 138 1283 98.14 . . . . 0.2153 . . . . . . . . . . . 0.2808 
'X-RAY DIFFRACTION' 1.05 1.16  . . 135 1281 96.59 . . . . 0.2147 . . . . . . . . . . . 0.2465 
'X-RAY DIFFRACTION' 1.16 1.33  . . 138 1218 94.83 . . . . 0.1763 . . . . . . . . . . . 0.1965 
'X-RAY DIFFRACTION' 1.33 1.67  . . 139 1272 97.92 . . . . 0.1558 . . . . . . . . . . . 0.1479 
'X-RAY DIFFRACTION' 1.67 11.72 . . 141 1258 96.09 . . . . 0.1001 . . . . . . . . . . . 0.1293 
# 
_struct.entry_id                     9EG0 
_struct.title                        'Co-MAHF-9 Metal Alpha-Helix Framework' 
_struct.pdbx_model_details           ? 
_struct.pdbx_formula_weight          ? 
_struct.pdbx_formula_weight_method   ? 
_struct.pdbx_model_type_details      ? 
_struct.pdbx_CASP_flag               N 
# 
_struct_keywords.entry_id        9EG0 
_struct_keywords.text            'synthetic construct, DE NOVO PROTEIN' 
_struct_keywords.pdbx_keywords   'DE NOVO PROTEIN' 
# 
loop_
_struct_asym.id 
_struct_asym.pdbx_blank_PDB_chainid_flag 
_struct_asym.pdbx_modified 
_struct_asym.entity_id 
_struct_asym.details 
A N N 1 ? 
B N N 2 ? 
C N N 2 ? 
D N N 3 ? 
E N N 4 ? 
# 
_struct_ref.id                         1 
_struct_ref.db_name                    PDB 
_struct_ref.db_code                    9EG0 
_struct_ref.pdbx_db_accession          9EG0 
_struct_ref.pdbx_db_isoform            ? 
_struct_ref.entity_id                  1 
_struct_ref.pdbx_seq_one_letter_code   ? 
_struct_ref.pdbx_align_begin           1 
# 
_struct_ref_seq.align_id                      1 
_struct_ref_seq.ref_id                        1 
_struct_ref_seq.pdbx_PDB_id_code              9EG0 
_struct_ref_seq.pdbx_strand_id                A 
_struct_ref_seq.seq_align_beg                 1 
_struct_ref_seq.pdbx_seq_align_beg_ins_code   ? 
_struct_ref_seq.seq_align_end                 11 
_struct_ref_seq.pdbx_seq_align_end_ins_code   ? 
_struct_ref_seq.pdbx_db_accession             9EG0 
_struct_ref_seq.db_align_beg                  1 
_struct_ref_seq.pdbx_db_align_beg_ins_code    ? 
_struct_ref_seq.db_align_end                  11 
_struct_ref_seq.pdbx_db_align_end_ins_code    ? 
_struct_ref_seq.pdbx_auth_seq_align_beg       1 
_struct_ref_seq.pdbx_auth_seq_align_end       11 
# 
_pdbx_struct_assembly.id                   1 
_pdbx_struct_assembly.details              author_defined_assembly 
_pdbx_struct_assembly.method_details       ? 
_pdbx_struct_assembly.oligomeric_details   monomeric 
_pdbx_struct_assembly.oligomeric_count     1 
# 
_pdbx_struct_assembly_gen.assembly_id       1 
_pdbx_struct_assembly_gen.oper_expression   1 
_pdbx_struct_assembly_gen.asym_id_list      A,B,C,D,E 
# 
_pdbx_struct_assembly_auth_evidence.id                     1 
_pdbx_struct_assembly_auth_evidence.assembly_id            1 
_pdbx_struct_assembly_auth_evidence.experimental_support   none 
_pdbx_struct_assembly_auth_evidence.details                ? 
# 
_pdbx_struct_oper_list.id                   1 
_pdbx_struct_oper_list.type                 'identity operation' 
_pdbx_struct_oper_list.name                 1_555 
_pdbx_struct_oper_list.symmetry_operation   x,y,z 
_pdbx_struct_oper_list.matrix[1][1]         1.0000000000 
_pdbx_struct_oper_list.matrix[1][2]         0.0000000000 
_pdbx_struct_oper_list.matrix[1][3]         0.0000000000 
_pdbx_struct_oper_list.vector[1]            0.0000000000 
_pdbx_struct_oper_list.matrix[2][1]         0.0000000000 
_pdbx_struct_oper_list.matrix[2][2]         1.0000000000 
_pdbx_struct_oper_list.matrix[2][3]         0.0000000000 
_pdbx_struct_oper_list.vector[2]            0.0000000000 
_pdbx_struct_oper_list.matrix[3][1]         0.0000000000 
_pdbx_struct_oper_list.matrix[3][2]         0.0000000000 
_pdbx_struct_oper_list.matrix[3][3]         1.0000000000 
_pdbx_struct_oper_list.vector[3]            0.0000000000 
# 
_struct_conf.conf_type_id            HELX_P 
_struct_conf.id                      HELX_P1 
_struct_conf.pdbx_PDB_helix_id       AA1 
_struct_conf.beg_label_comp_id       LEU 
_struct_conf.beg_label_asym_id       A 
_struct_conf.beg_label_seq_id        2 
_struct_conf.pdbx_beg_PDB_ins_code   ? 
_struct_conf.end_label_comp_id       LEU 
_struct_conf.end_label_asym_id       A 
_struct_conf.end_label_seq_id        10 
_struct_conf.pdbx_end_PDB_ins_code   ? 
_struct_conf.beg_auth_comp_id        LEU 
_struct_conf.beg_auth_asym_id        A 
_struct_conf.beg_auth_seq_id         2 
_struct_conf.end_auth_comp_id        LEU 
_struct_conf.end_auth_asym_id        A 
_struct_conf.end_auth_seq_id         10 
_struct_conf.pdbx_PDB_helix_class    1 
_struct_conf.details                 ? 
_struct_conf.pdbx_PDB_helix_length   9 
# 
_struct_conf_type.id          HELX_P 
_struct_conf_type.criteria    ? 
_struct_conf_type.reference   ? 
# 
loop_
_struct_conn.id 
_struct_conn.conn_type_id 
_struct_conn.pdbx_leaving_atom_flag 
_struct_conn.pdbx_PDB_id 
_struct_conn.ptnr1_label_asym_id 
_struct_conn.ptnr1_label_comp_id 
_struct_conn.ptnr1_label_seq_id 
_struct_conn.ptnr1_label_atom_id 
_struct_conn.pdbx_ptnr1_label_alt_id 
_struct_conn.pdbx_ptnr1_PDB_ins_code 
_struct_conn.pdbx_ptnr1_standard_comp_id 
_struct_conn.ptnr1_symmetry 
_struct_conn.ptnr2_label_asym_id 
_struct_conn.ptnr2_label_comp_id 
_struct_conn.ptnr2_label_seq_id 
_struct_conn.ptnr2_label_atom_id 
_struct_conn.pdbx_ptnr2_label_alt_id 
_struct_conn.pdbx_ptnr2_PDB_ins_code 
_struct_conn.ptnr1_auth_asym_id 
_struct_conn.ptnr1_auth_comp_id 
_struct_conn.ptnr1_auth_seq_id 
_struct_conn.ptnr2_auth_asym_id 
_struct_conn.ptnr2_auth_comp_id 
_struct_conn.ptnr2_auth_seq_id 
_struct_conn.ptnr2_symmetry 
_struct_conn.pdbx_ptnr3_label_atom_id 
_struct_conn.pdbx_ptnr3_label_seq_id 
_struct_conn.pdbx_ptnr3_label_comp_id 
_struct_conn.pdbx_ptnr3_label_asym_id 
_struct_conn.pdbx_ptnr3_label_alt_id 
_struct_conn.pdbx_ptnr3_PDB_ins_code 
_struct_conn.details 
_struct_conn.pdbx_dist_value 
_struct_conn.pdbx_value_order 
_struct_conn.pdbx_role 
covale1 covale both ? A ACE 1  C   ? ? ? 1_555 A LEU 2  N  ? ? A ACE 1  A LEU 2   1_555 ? ? ? ? ? ? ? 1.419 ? ? 
covale2 covale both ? A LEU 2  C   ? ? ? 1_555 A AIB 3  N  ? ? A LEU 2  A AIB 3   1_555 ? ? ? ? ? ? ? 1.330 ? ? 
covale3 covale both ? A AIB 3  C   ? ? ? 1_555 A GLU 4  N  ? ? A AIB 3  A GLU 4   1_555 ? ? ? ? ? ? ? 1.332 ? ? 
covale4 covale both ? A GLU 4  C   ? ? ? 1_555 A AIB 5  N  ? ? A GLU 4  A AIB 5   1_555 ? ? ? ? ? ? ? 1.329 ? ? 
covale5 covale both ? A AIB 5  C   ? ? ? 1_555 A LEU 6  N  ? ? A AIB 5  A LEU 6   1_555 ? ? ? ? ? ? ? 1.338 ? ? 
covale6 covale both ? A ALA 8  C   ? ? ? 1_555 A AIB 9  N  ? ? A ALA 8  A AIB 9   1_555 ? ? ? ? ? ? ? 1.328 ? ? 
covale7 covale both ? A AIB 9  C   ? ? ? 1_555 A LEU 10 N  ? ? A AIB 9  A LEU 10  1_555 ? ? ? ? ? ? ? 1.331 ? ? 
covale8 covale both ? A LEU 10 C   ? ? ? 1_555 A NH2 11 N  ? ? A LEU 10 A NH2 11  1_555 ? ? ? ? ? ? ? 1.427 ? ? 
metalc1 metalc ?    ? A GLU 4  OE2 ? ? ? 1_555 D CO  .  CO ? ? A GLU 4  A CO  103 2_566 ? ? ? ? ? ? ? 1.934 ? ? 
metalc2 metalc ?    ? A HIS 7  NE2 ? ? ? 1_555 D CO  .  CO ? ? A HIS 7  A CO  103 1_555 ? ? ? ? ? ? ? 2.007 ? ? 
metalc3 metalc ?    ? A HIS 7  NE2 ? ? ? 1_555 D CO  .  CO ? ? A HIS 7  A CO  103 2_556 ? ? ? ? ? ? ? 2.007 ? ? 
# 
loop_
_struct_conn_type.id 
_struct_conn_type.criteria 
_struct_conn_type.reference 
covale ? ? 
metalc ? ? 
# 
loop_
_pdbx_struct_conn_angle.id 
_pdbx_struct_conn_angle.ptnr1_label_atom_id 
_pdbx_struct_conn_angle.ptnr1_label_alt_id 
_pdbx_struct_conn_angle.ptnr1_label_asym_id 
_pdbx_struct_conn_angle.ptnr1_label_comp_id 
_pdbx_struct_conn_angle.ptnr1_label_seq_id 
_pdbx_struct_conn_angle.ptnr1_auth_atom_id 
_pdbx_struct_conn_angle.ptnr1_auth_asym_id 
_pdbx_struct_conn_angle.ptnr1_auth_comp_id 
_pdbx_struct_conn_angle.ptnr1_auth_seq_id 
_pdbx_struct_conn_angle.ptnr1_PDB_ins_code 
_pdbx_struct_conn_angle.ptnr1_symmetry 
_pdbx_struct_conn_angle.ptnr2_label_atom_id 
_pdbx_struct_conn_angle.ptnr2_label_alt_id 
_pdbx_struct_conn_angle.ptnr2_label_asym_id 
_pdbx_struct_conn_angle.ptnr2_label_comp_id 
_pdbx_struct_conn_angle.ptnr2_label_seq_id 
_pdbx_struct_conn_angle.ptnr2_auth_atom_id 
_pdbx_struct_conn_angle.ptnr2_auth_asym_id 
_pdbx_struct_conn_angle.ptnr2_auth_comp_id 
_pdbx_struct_conn_angle.ptnr2_auth_seq_id 
_pdbx_struct_conn_angle.ptnr2_PDB_ins_code 
_pdbx_struct_conn_angle.ptnr2_symmetry 
_pdbx_struct_conn_angle.ptnr3_label_atom_id 
_pdbx_struct_conn_angle.ptnr3_label_alt_id 
_pdbx_struct_conn_angle.ptnr3_label_asym_id 
_pdbx_struct_conn_angle.ptnr3_label_comp_id 
_pdbx_struct_conn_angle.ptnr3_label_seq_id 
_pdbx_struct_conn_angle.ptnr3_auth_atom_id 
_pdbx_struct_conn_angle.ptnr3_auth_asym_id 
_pdbx_struct_conn_angle.ptnr3_auth_comp_id 
_pdbx_struct_conn_angle.ptnr3_auth_seq_id 
_pdbx_struct_conn_angle.ptnr3_PDB_ins_code 
_pdbx_struct_conn_angle.ptnr3_symmetry 
_pdbx_struct_conn_angle.value 
_pdbx_struct_conn_angle.value_esd 
1 OE2 ? A GLU 4 ? A GLU 4 ? 1_555 CO ? D CO . ? A CO 103 ? 2_566 NE2 ? A HIS 7 ? A HIS 7 ? 1_555 56.2 ? 
2 OE2 ? A GLU 4 ? A GLU 4 ? 1_555 CO ? D CO . ? A CO 103 ? 2_566 NE2 ? A HIS 7 ? A HIS 7 ? 1_555 56.2 ? 
3 NE2 ? A HIS 7 ? A HIS 7 ? 1_555 CO ? D CO . ? A CO 103 ? 2_566 NE2 ? A HIS 7 ? A HIS 7 ? 1_555 0.0  ? 
# 
loop_
_pdbx_modification_feature.ordinal 
_pdbx_modification_feature.label_comp_id 
_pdbx_modification_feature.label_asym_id 
_pdbx_modification_feature.label_seq_id 
_pdbx_modification_feature.label_alt_id 
_pdbx_modification_feature.modified_residue_label_comp_id 
_pdbx_modification_feature.modified_residue_label_asym_id 
_pdbx_modification_feature.modified_residue_label_seq_id 
_pdbx_modification_feature.modified_residue_label_alt_id 
_pdbx_modification_feature.auth_comp_id 
_pdbx_modification_feature.auth_asym_id 
_pdbx_modification_feature.auth_seq_id 
_pdbx_modification_feature.PDB_ins_code 
_pdbx_modification_feature.symmetry 
_pdbx_modification_feature.modified_residue_auth_comp_id 
_pdbx_modification_feature.modified_residue_auth_asym_id 
_pdbx_modification_feature.modified_residue_auth_seq_id 
_pdbx_modification_feature.modified_residue_PDB_ins_code 
_pdbx_modification_feature.modified_residue_symmetry 
_pdbx_modification_feature.comp_id_linking_atom 
_pdbx_modification_feature.modified_residue_id_linking_atom 
_pdbx_modification_feature.modified_residue_id 
_pdbx_modification_feature.ref_pcm_id 
_pdbx_modification_feature.ref_comp_id 
_pdbx_modification_feature.type 
_pdbx_modification_feature.category 
1 AIB A 3  ? .   . .  . AIB A 3  ? 1_555 .   . .  . .     . . ALA 1  AIB Methylation 'Named protein modification' 
2 AIB A 5  ? .   . .  . AIB A 5  ? 1_555 .   . .  . .     . . ALA 1  AIB Methylation 'Named protein modification' 
3 AIB A 9  ? .   . .  . AIB A 9  ? 1_555 .   . .  . .     . . ALA 1  AIB Methylation 'Named protein modification' 
4 ACE A 1  ? LEU A 2  ? ACE A 1  ? 1_555 LEU A 2  ? 1_555 . . LEU 14 ACE None        'Terminal acetylation'       
5 NH2 A 11 ? LEU A 10 ? NH2 A 11 ? 1_555 LEU A 10 ? 1_555 . . LEU 14 NH2 None        'Terminal amidation'         
# 
_pdbx_entry_details.entry_id                   9EG0 
_pdbx_entry_details.nonpolymer_details         ? 
_pdbx_entry_details.sequence_details           ? 
_pdbx_entry_details.compound_details           ? 
_pdbx_entry_details.source_details             ? 
_pdbx_entry_details.has_ligand_of_interest     N 
_pdbx_entry_details.has_protein_modification   Y 
# 
_pdbx_validate_close_contact.id               1 
_pdbx_validate_close_contact.PDB_model_num    1 
_pdbx_validate_close_contact.auth_atom_id_1   C 
_pdbx_validate_close_contact.auth_asym_id_1   A 
_pdbx_validate_close_contact.auth_comp_id_1   LEU 
_pdbx_validate_close_contact.auth_seq_id_1    10 
_pdbx_validate_close_contact.PDB_ins_code_1   ? 
_pdbx_validate_close_contact.label_alt_id_1   ? 
_pdbx_validate_close_contact.auth_atom_id_2   HN1 
_pdbx_validate_close_contact.auth_asym_id_2   A 
_pdbx_validate_close_contact.auth_comp_id_2   NH2 
_pdbx_validate_close_contact.auth_seq_id_2    11 
_pdbx_validate_close_contact.PDB_ins_code_2   ? 
_pdbx_validate_close_contact.label_alt_id_2   ? 
_pdbx_validate_close_contact.dist             1.58 
# 
_pdbx_struct_special_symmetry.id              1 
_pdbx_struct_special_symmetry.PDB_model_num   1 
_pdbx_struct_special_symmetry.auth_asym_id    A 
_pdbx_struct_special_symmetry.auth_comp_id    CO 
_pdbx_struct_special_symmetry.auth_seq_id     103 
_pdbx_struct_special_symmetry.PDB_ins_code    ? 
_pdbx_struct_special_symmetry.label_asym_id   D 
_pdbx_struct_special_symmetry.label_comp_id   CO 
_pdbx_struct_special_symmetry.label_seq_id    . 
# 
loop_
_space_group_symop.id 
_space_group_symop.operation_xyz 
1 x,y,z           
2 -x,y,-z         
3 x+1/2,y+1/2,z   
4 -x+1/2,y+1/2,-z 
# 
loop_
_chem_comp_atom.comp_id 
_chem_comp_atom.atom_id 
_chem_comp_atom.type_symbol 
_chem_comp_atom.pdbx_aromatic_flag 
_chem_comp_atom.pdbx_stereo_config 
_chem_comp_atom.pdbx_ordinal 
ACE C    C  N N 1   
ACE O    O  N N 2   
ACE CH3  C  N N 3   
ACE H    H  N N 4   
ACE H1   H  N N 5   
ACE H2   H  N N 6   
ACE H3   H  N N 7   
AIB N    N  N N 8   
AIB CA   C  N N 9   
AIB C    C  N N 10  
AIB O    O  N N 11  
AIB OXT  O  N N 12  
AIB CB1  C  N N 13  
AIB CB2  C  N N 14  
AIB H    H  N N 15  
AIB H2   H  N N 16  
AIB HXT  H  N N 17  
AIB HB11 H  N N 18  
AIB HB12 H  N N 19  
AIB HB13 H  N N 20  
AIB HB21 H  N N 21  
AIB HB22 H  N N 22  
AIB HB23 H  N N 23  
ALA N    N  N N 24  
ALA CA   C  N S 25  
ALA C    C  N N 26  
ALA O    O  N N 27  
ALA CB   C  N N 28  
ALA OXT  O  N N 29  
ALA H    H  N N 30  
ALA H2   H  N N 31  
ALA HA   H  N N 32  
ALA HB1  H  N N 33  
ALA HB2  H  N N 34  
ALA HB3  H  N N 35  
ALA HXT  H  N N 36  
CO  CO   CO N N 37  
GLU N    N  N N 38  
GLU CA   C  N S 39  
GLU C    C  N N 40  
GLU O    O  N N 41  
GLU CB   C  N N 42  
GLU CG   C  N N 43  
GLU CD   C  N N 44  
GLU OE1  O  N N 45  
GLU OE2  O  N N 46  
GLU OXT  O  N N 47  
GLU H    H  N N 48  
GLU H2   H  N N 49  
GLU HA   H  N N 50  
GLU HB2  H  N N 51  
GLU HB3  H  N N 52  
GLU HG2  H  N N 53  
GLU HG3  H  N N 54  
GLU HE2  H  N N 55  
GLU HXT  H  N N 56  
HIS N    N  N N 57  
HIS CA   C  N S 58  
HIS C    C  N N 59  
HIS O    O  N N 60  
HIS CB   C  N N 61  
HIS CG   C  Y N 62  
HIS ND1  N  Y N 63  
HIS CD2  C  Y N 64  
HIS CE1  C  Y N 65  
HIS NE2  N  Y N 66  
HIS OXT  O  N N 67  
HIS H    H  N N 68  
HIS H2   H  N N 69  
HIS HA   H  N N 70  
HIS HB2  H  N N 71  
HIS HB3  H  N N 72  
HIS HD1  H  N N 73  
HIS HD2  H  N N 74  
HIS HE1  H  N N 75  
HIS HE2  H  N N 76  
HIS HXT  H  N N 77  
HOH O    O  N N 78  
HOH H1   H  N N 79  
HOH H2   H  N N 80  
LEU N    N  N N 81  
LEU CA   C  N S 82  
LEU C    C  N N 83  
LEU O    O  N N 84  
LEU CB   C  N N 85  
LEU CG   C  N N 86  
LEU CD1  C  N N 87  
LEU CD2  C  N N 88  
LEU OXT  O  N N 89  
LEU H    H  N N 90  
LEU H2   H  N N 91  
LEU HA   H  N N 92  
LEU HB2  H  N N 93  
LEU HB3  H  N N 94  
LEU HG   H  N N 95  
LEU HD11 H  N N 96  
LEU HD12 H  N N 97  
LEU HD13 H  N N 98  
LEU HD21 H  N N 99  
LEU HD22 H  N N 100 
LEU HD23 H  N N 101 
LEU HXT  H  N N 102 
MOH C    C  N N 103 
MOH O    O  N N 104 
MOH H1   H  N N 105 
MOH H2   H  N N 106 
MOH H3   H  N N 107 
MOH HO   H  N N 108 
NH2 N    N  N N 109 
NH2 HN1  H  N N 110 
NH2 HN2  H  N N 111 
# 
loop_
_chem_comp_bond.comp_id 
_chem_comp_bond.atom_id_1 
_chem_comp_bond.atom_id_2 
_chem_comp_bond.value_order 
_chem_comp_bond.pdbx_aromatic_flag 
_chem_comp_bond.pdbx_stereo_config 
_chem_comp_bond.pdbx_ordinal 
ACE C   O    doub N N 1   
ACE C   CH3  sing N N 2   
ACE C   H    sing N N 3   
ACE CH3 H1   sing N N 4   
ACE CH3 H2   sing N N 5   
ACE CH3 H3   sing N N 6   
AIB N   CA   sing N N 7   
AIB N   H    sing N N 8   
AIB N   H2   sing N N 9   
AIB CA  C    sing N N 10  
AIB CA  CB1  sing N N 11  
AIB CA  CB2  sing N N 12  
AIB C   O    doub N N 13  
AIB C   OXT  sing N N 14  
AIB OXT HXT  sing N N 15  
AIB CB1 HB11 sing N N 16  
AIB CB1 HB12 sing N N 17  
AIB CB1 HB13 sing N N 18  
AIB CB2 HB21 sing N N 19  
AIB CB2 HB22 sing N N 20  
AIB CB2 HB23 sing N N 21  
ALA N   CA   sing N N 22  
ALA N   H    sing N N 23  
ALA N   H2   sing N N 24  
ALA CA  C    sing N N 25  
ALA CA  CB   sing N N 26  
ALA CA  HA   sing N N 27  
ALA C   O    doub N N 28  
ALA C   OXT  sing N N 29  
ALA CB  HB1  sing N N 30  
ALA CB  HB2  sing N N 31  
ALA CB  HB3  sing N N 32  
ALA OXT HXT  sing N N 33  
GLU N   CA   sing N N 34  
GLU N   H    sing N N 35  
GLU N   H2   sing N N 36  
GLU CA  C    sing N N 37  
GLU CA  CB   sing N N 38  
GLU CA  HA   sing N N 39  
GLU C   O    doub N N 40  
GLU C   OXT  sing N N 41  
GLU CB  CG   sing N N 42  
GLU CB  HB2  sing N N 43  
GLU CB  HB3  sing N N 44  
GLU CG  CD   sing N N 45  
GLU CG  HG2  sing N N 46  
GLU CG  HG3  sing N N 47  
GLU CD  OE1  doub N N 48  
GLU CD  OE2  sing N N 49  
GLU OE2 HE2  sing N N 50  
GLU OXT HXT  sing N N 51  
HIS N   CA   sing N N 52  
HIS N   H    sing N N 53  
HIS N   H2   sing N N 54  
HIS CA  C    sing N N 55  
HIS CA  CB   sing N N 56  
HIS CA  HA   sing N N 57  
HIS C   O    doub N N 58  
HIS C   OXT  sing N N 59  
HIS CB  CG   sing N N 60  
HIS CB  HB2  sing N N 61  
HIS CB  HB3  sing N N 62  
HIS CG  ND1  sing Y N 63  
HIS CG  CD2  doub Y N 64  
HIS ND1 CE1  doub Y N 65  
HIS ND1 HD1  sing N N 66  
HIS CD2 NE2  sing Y N 67  
HIS CD2 HD2  sing N N 68  
HIS CE1 NE2  sing Y N 69  
HIS CE1 HE1  sing N N 70  
HIS NE2 HE2  sing N N 71  
HIS OXT HXT  sing N N 72  
HOH O   H1   sing N N 73  
HOH O   H2   sing N N 74  
LEU N   CA   sing N N 75  
LEU N   H    sing N N 76  
LEU N   H2   sing N N 77  
LEU CA  C    sing N N 78  
LEU CA  CB   sing N N 79  
LEU CA  HA   sing N N 80  
LEU C   O    doub N N 81  
LEU C   OXT  sing N N 82  
LEU CB  CG   sing N N 83  
LEU CB  HB2  sing N N 84  
LEU CB  HB3  sing N N 85  
LEU CG  CD1  sing N N 86  
LEU CG  CD2  sing N N 87  
LEU CG  HG   sing N N 88  
LEU CD1 HD11 sing N N 89  
LEU CD1 HD12 sing N N 90  
LEU CD1 HD13 sing N N 91  
LEU CD2 HD21 sing N N 92  
LEU CD2 HD22 sing N N 93  
LEU CD2 HD23 sing N N 94  
LEU OXT HXT  sing N N 95  
MOH C   O    sing N N 96  
MOH C   H1   sing N N 97  
MOH C   H2   sing N N 98  
MOH C   H3   sing N N 99  
MOH O   HO   sing N N 100 
NH2 N   HN1  sing N N 101 
NH2 N   HN2  sing N N 102 
# 
loop_
_pdbx_audit_support.funding_organization 
_pdbx_audit_support.country 
_pdbx_audit_support.grant_number 
_pdbx_audit_support.ordinal 
'National Institutes of Health/National Institute of General Medical Sciences (NIH/NIGMS)' 'United States' 1R35GM15479301    1 
'Department of Energy (DOE, United States)'                                                'United States' DE-AC02-06CH11357 2 
# 
_pdbx_initial_refinement_model.id               1 
_pdbx_initial_refinement_model.entity_id_list   ? 
_pdbx_initial_refinement_model.type             'experimental model' 
_pdbx_initial_refinement_model.source_name      PDB 
_pdbx_initial_refinement_model.accession_code   7TLS 
_pdbx_initial_refinement_model.details          ? 
# 
_space_group.name_H-M_alt     'C 1 2 1' 
_space_group.name_Hall        'C 2y' 
_space_group.IT_number        5 
_space_group.crystal_system   monoclinic 
_space_group.id               1 
# 
_atom_sites.entry_id                    9EG0 
_atom_sites.Cartn_transf_matrix[1][1]   ? 
_atom_sites.Cartn_transf_matrix[1][2]   ? 
_atom_sites.Cartn_transf_matrix[1][3]   ? 
_atom_sites.Cartn_transf_matrix[2][1]   ? 
_atom_sites.Cartn_transf_matrix[2][2]   ? 
_atom_sites.Cartn_transf_matrix[2][3]   ? 
_atom_sites.Cartn_transf_matrix[3][1]   ? 
_atom_sites.Cartn_transf_matrix[3][2]   ? 
_atom_sites.Cartn_transf_matrix[3][3]   ? 
_atom_sites.Cartn_transf_vector[1]      ? 
_atom_sites.Cartn_transf_vector[2]      ? 
_atom_sites.Cartn_transf_vector[3]      ? 
_atom_sites.Cartn_transform_axes        ? 
_atom_sites.fract_transf_matrix[1][1]   0.01808001 
_atom_sites.fract_transf_matrix[1][2]   -0.02593163 
_atom_sites.fract_transf_matrix[1][3]   0.01055933 
_atom_sites.fract_transf_matrix[2][1]   -0.06587909 
_atom_sites.fract_transf_matrix[2][2]   -0.04649366 
_atom_sites.fract_transf_matrix[2][3]   -0.00137906 
_atom_sites.fract_transf_matrix[3][1]   0.01332930 
_atom_sites.fract_transf_matrix[3][2]   -0.01730059 
_atom_sites.fract_transf_matrix[3][3]   -0.05348156 
_atom_sites.fract_transf_vector[1]      -0.123264 
_atom_sites.fract_transf_vector[2]      -0.494577 
_atom_sites.fract_transf_vector[3]      0.227402 
_atom_sites.solution_primary            ? 
_atom_sites.solution_secondary          ? 
_atom_sites.solution_hydrogens          ? 
_atom_sites.special_details             ? 
# 
loop_
_atom_type.symbol 
_atom_type.scat_dispersion_real 
_atom_type.scat_dispersion_imag 
_atom_type.scat_Cromer_Mann_a1 
_atom_type.scat_Cromer_Mann_a2 
_atom_type.scat_Cromer_Mann_a3 
_atom_type.scat_Cromer_Mann_a4 
_atom_type.scat_Cromer_Mann_b1 
_atom_type.scat_Cromer_Mann_b2 
_atom_type.scat_Cromer_Mann_b3 
_atom_type.scat_Cromer_Mann_b4 
_atom_type.scat_Cromer_Mann_c 
_atom_type.scat_source 
_atom_type.scat_dispersion_source 
C  ? ? 2.51340  1.74867 1.72398 ? 31.80534 0.44561  10.58317 ? 0.0 
;3-Gaussian fit: Grosse-Kunstleve RW, Sauter NK, Adams PD: Newsletter of the IUCr Commission on Crystallographic Computing 2004, 3, 22-31.
;
? 
CO ? ? 14.25116 9.13684 3.55259 ? 5.36759  0.30544  48.44770 ? 0.0 
;3-Gaussian fit: Grosse-Kunstleve RW, Sauter NK, Adams PD: Newsletter of the IUCr Commission on Crystallographic Computing 2004, 3, 22-31.
;
? 
H  ? ? 0.53795  0.34799 0.11320 ? 10.08003 29.74760 2.57510  ? 0.0 
;3-Gaussian fit: Grosse-Kunstleve RW, Sauter NK, Adams PD: Newsletter of the IUCr Commission on Crystallographic Computing 2004, 3, 22-31.
;
? 
N  ? ? 2.99955  2.25584 1.72788 ? 23.27268 7.45433  0.31622  ? 0.0 
;3-Gaussian fit: Grosse-Kunstleve RW, Sauter NK, Adams PD: Newsletter of the IUCr Commission on Crystallographic Computing 2004, 3, 22-31.
;
? 
O  ? ? 4.49882  3.47563 ?       ? 15.80542 1.70748  ?        ? 0.0 
;2-Gaussian fit: Grosse-Kunstleve RW, Sauter NK, Adams PD: Newsletter of the IUCr Commission on Crystallographic Computing 2004, 3, 22-31.
;
? 
# 
loop_
_atom_site.group_PDB 
_atom_site.id 
_atom_site.type_symbol 
_atom_site.label_atom_id 
_atom_site.label_alt_id 
_atom_site.label_comp_id 
_atom_site.label_asym_id 
_atom_site.label_entity_id 
_atom_site.label_seq_id 
_atom_site.pdbx_PDB_ins_code 
_atom_site.Cartn_x 
_atom_site.Cartn_y 
_atom_site.Cartn_z 
_atom_site.occupancy 
_atom_site.B_iso_or_equiv 
_atom_site.pdbx_formal_charge 
_atom_site.auth_seq_id 
_atom_site.auth_comp_id 
_atom_site.auth_asym_id 
_atom_site.auth_atom_id 
_atom_site.pdbx_PDB_model_num 
HETATM 1   C  C    . ACE A 1 1  ? -0.37233 -6.03798 3.02846  1.000 7.89550  ? 1   ACE A C    1 
HETATM 2   O  O    . ACE A 1 1  ? -0.81621 -5.04081 2.37020  1.000 8.17318  ? 1   ACE A O    1 
HETATM 3   C  CH3  . ACE A 1 1  ? -1.18142 -7.28863 2.99410  1.000 8.52451  ? 1   ACE A CH3  1 
HETATM 4   H  H1   . ACE A 1 1  ? -0.83171 -7.90148 2.32852  1.000 10.18955 ? 1   ACE A H1   1 
HETATM 5   H  H2   . ACE A 1 1  ? -2.10472 -7.09011 2.77269  1.000 10.18955 ? 1   ACE A H2   1 
HETATM 6   H  H3   . ACE A 1 1  ? -1.16153 -7.73011 3.85758  1.000 10.18955 ? 1   ACE A H3   1 
ATOM   7   N  N    . LEU A 1 2  ? 0.96903  -5.97885 3.48782  1.000 7.28254  ? 2   LEU A N    1 
ATOM   8   C  CA   . LEU A 1 2  ? 1.71563  -4.73349 3.53956  1.000 7.23374  ? 2   LEU A CA   1 
ATOM   9   C  C    . LEU A 1 2  ? 1.92216  -4.14945 2.13604  1.000 7.07290  ? 2   LEU A C    1 
ATOM   10  O  O    . LEU A 1 2  ? 1.73300  -2.94934 1.92431  1.000 6.81865  ? 2   LEU A O    1 
ATOM   11  C  CB   . LEU A 1 2  ? 3.04672  -4.98777 4.22420  1.000 7.82000  ? 2   LEU A CB   1 
ATOM   12  C  CG   . LEU A 1 2  ? 4.00064  -3.80036 4.31601  1.000 8.17960  ? 2   LEU A CG   1 
ATOM   13  C  CD1  . LEU A 1 2  ? 3.35128  -2.61125 5.01704  1.000 8.37613  ? 2   LEU A CD1  1 
ATOM   14  C  CD2  . LEU A 1 2  ? 5.25604  -4.19985 5.03466  1.000 9.05277  ? 2   LEU A CD2  1 
ATOM   15  H  H    . LEU A 1 2  ? 1.36975  -6.64757 3.85105  1.000 8.69918  ? 2   LEU A H    1 
ATOM   16  H  HA   . LEU A 1 2  ? 1.22564  -4.06895 4.04869  1.000 8.64062  ? 2   LEU A HA   1 
ATOM   17  H  HB2  . LEU A 1 2  ? 2.86724  -5.28049 5.13140  1.000 9.34414  ? 2   LEU A HB2  1 
ATOM   18  H  HB3  . LEU A 1 2  ? 3.50777  -5.68709 3.73503  1.000 9.34414  ? 2   LEU A HB3  1 
ATOM   19  H  HG   . LEU A 1 2  ? 4.22709  -3.52038 3.41532  1.000 9.77565  ? 2   LEU A HG   1 
ATOM   20  H  HD11 . LEU A 1 2  ? 4.03015  -1.94279 5.19923  1.000 10.01149 ? 2   LEU A HD11 1 
ATOM   21  H  HD12 . LEU A 1 2  ? 2.66715  -2.23888 4.43892  1.000 10.01149 ? 2   LEU A HD12 1 
ATOM   22  H  HD13 . LEU A 1 2  ? 2.95323  -2.91356 5.84833  1.000 10.01149 ? 2   LEU A HD13 1 
ATOM   23  H  HD21 . LEU A 1 2  ? 5.83486  -3.42548 5.11346  1.000 10.82346 ? 2   LEU A HD21 1 
ATOM   24  H  HD22 . LEU A 1 2  ? 5.02359  -4.53020 5.91656  1.000 10.82346 ? 2   LEU A HD22 1 
ATOM   25  H  HD23 . LEU A 1 2  ? 5.70222  -4.89611 4.52764  1.000 10.82346 ? 2   LEU A HD23 1 
HETATM 26  N  N    . AIB A 1 3  ? 2.31901  -4.98718 1.18268  1.000 7.79304  ? 3   AIB A N    1 
HETATM 27  C  CA   . AIB A 1 3  ? 2.60567  -4.51724 -0.16004 1.000 8.40345  ? 3   AIB A CA   1 
HETATM 28  C  C    . AIB A 1 3  ? 1.44501  -3.67820 -0.72241 1.000 7.94465  ? 3   AIB A C    1 
HETATM 29  O  O    . AIB A 1 3  ? 1.58902  -2.54884 -1.18567 1.000 8.26140  ? 3   AIB A O    1 
HETATM 30  C  CB1  . AIB A 1 3  ? 3.89062  -3.66424 -0.15277 1.000 9.16371  ? 3   AIB A CB1  1 
HETATM 31  C  CB2  . AIB A 1 3  ? 2.79687  -5.70996 -1.11643 1.000 9.42935  ? 3   AIB A CB2  1 
HETATM 32  H  H    . AIB A 1 3  ? 2.76765  -5.86602 1.35118  1.000 9.31178  ? 3   AIB A H    1 
HETATM 33  H  HB11 . AIB A 1 3  ? 4.74867  -4.27932 0.20897  1.000 10.95659 ? 3   AIB A HB11 1 
HETATM 34  H  HB12 . AIB A 1 3  ? 3.75617  -2.78694 0.52379  1.000 10.95659 ? 3   AIB A HB12 1 
HETATM 35  H  HB13 . AIB A 1 3  ? 4.10772  -3.30194 -1.18577 1.000 10.95659 ? 3   AIB A HB13 1 
HETATM 36  H  HB21 . AIB A 1 3  ? 2.98548  -5.32410 -2.14756 1.000 11.27535 ? 3   AIB A HB21 1 
HETATM 37  H  HB22 . AIB A 1 3  ? 1.87174  -6.33589 -1.10842 1.000 11.27535 ? 3   AIB A HB22 1 
HETATM 38  H  HB23 . AIB A 1 3  ? 3.66918  -6.31703 -0.77259 1.000 11.27535 ? 3   AIB A HB23 1 
ATOM   39  N  N    . GLU A 1 4  ? 0.24870  -4.25741 -0.63743 1.000 8.06281  ? 4   GLU A N    1 
ATOM   40  C  CA   . GLU A 1 4  ? -0.97639 -3.61640 -1.12890 1.000 8.84824  ? 4   GLU A CA   1 
ATOM   41  C  C    . GLU A 1 4  ? -1.33234 -2.39936 -0.32220 1.000 8.34266  ? 4   GLU A C    1 
ATOM   42  O  O    . GLU A 1 4  ? -1.66927 -1.36354 -0.87823 1.000 8.25736  ? 4   GLU A O    1 
ATOM   43  C  CB   . GLU A 1 4  ? -2.18416 -4.54501 -1.01195 1.000 11.30020 ? 4   GLU A CB   1 
ATOM   44  C  CG   . GLU A 1 4  ? -2.21967 -5.67161 -1.97513 1.000 12.92571 ? 4   GLU A CG   1 
ATOM   45  C  CD   . GLU A 1 4  ? -1.71561 -6.94978 -1.35677 1.000 12.83651 ? 4   GLU A CD   1 
ATOM   46  O  OE1  . GLU A 1 4  ? -0.81029 -6.89513 -0.50190 1.000 13.36777 ? 4   GLU A OE1  1 
ATOM   47  O  OE2  . GLU A 1 4  ? -2.24491 -8.01178 -1.70588 1.000 13.26376 ? 4   GLU A OE2  1 
ATOM   48  H  H    . GLU A 1 4  ? 0.11455  -5.03442 -0.29412 1.000 9.63550  ? 4   GLU A H    1 
ATOM   49  H  HA   . GLU A 1 4  ? -0.80681 -3.38510 -2.05553 1.000 10.57802 ? 4   GLU A HA   1 
ATOM   50  H  HB2  . GLU A 1 4  ? -2.18965 -4.92729 -0.12047 1.000 13.52038 ? 4   GLU A HB2  1 
ATOM   51  H  HB3  . GLU A 1 4  ? -2.98740 -4.01971 -1.15262 1.000 13.52038 ? 4   GLU A HB3  1 
ATOM   52  H  HG2  . GLU A 1 4  ? -3.13361 -5.81449 -2.26705 1.000 15.47098 ? 4   GLU A HG2  1 
ATOM   53  H  HG3  . GLU A 1 4  ? -1.65750 -5.45955 -2.73663 1.000 15.47098 ? 4   GLU A HG3  1 
HETATM 54  N  N    . AIB A 1 5  ? -1.32808 -2.56021 0.99696  1.000 7.91190  ? 5   AIB A N    1 
HETATM 55  C  CA   . AIB A 1 5  ? -1.75077 -1.50548 1.88611  1.000 6.85421  ? 5   AIB A CA   1 
HETATM 56  C  C    . AIB A 1 5  ? -0.93024 -0.22779 1.63848  1.000 6.42765  ? 5   AIB A C    1 
HETATM 57  O  O    . AIB A 1 5  ? -1.42831 0.88518  1.48930  1.000 6.77515  ? 5   AIB A O    1 
HETATM 58  C  CB1  . AIB A 1 5  ? -3.24447 -1.17467 1.72276  1.000 7.17952  ? 5   AIB A CB1  1 
HETATM 59  C  CB2  . AIB A 1 5  ? -1.50121 -1.95923 3.33804  1.000 7.38888  ? 5   AIB A CB2  1 
HETATM 60  H  H    . AIB A 1 5  ? -0.75169 -3.21761 1.48440  1.000 9.45441  ? 5   AIB A H    1 
HETATM 61  H  HB11 . AIB A 1 5  ? -3.85965 -2.06110 2.00784  1.000 8.57556  ? 5   AIB A HB11 1 
HETATM 62  H  HB12 . AIB A 1 5  ? -3.45657 -0.90633 0.66047  1.000 8.57556  ? 5   AIB A HB12 1 
HETATM 63  H  HB13 . AIB A 1 5  ? -3.51341 -0.31384 2.38009  1.000 8.57556  ? 5   AIB A HB13 1 
HETATM 64  H  HB21 . AIB A 1 5  ? -1.91072 -1.18949 4.03625  1.000 8.82679  ? 5   AIB A HB21 1 
HETATM 65  H  HB22 . AIB A 1 5  ? -0.40203 -2.07324 3.50076  1.000 8.82679  ? 5   AIB A HB22 1 
HETATM 66  H  HB23 . AIB A 1 5  ? -2.01375 -2.93708 3.50781  1.000 8.82679  ? 5   AIB A HB23 1 
ATOM   67  N  N    . LEU A 1 6  ? 0.39092  -0.42805 1.57463  1.000 6.31342  ? 6   LEU A N    1 
ATOM   68  C  CA   . LEU A 1 6  ? 1.31378  0.69424  1.41648  1.000 6.10835  ? 6   LEU A CA   1 
ATOM   69  C  C    . LEU A 1 6  ? 1.13551  1.32329  0.04346  1.000 6.36551  ? 6   LEU A C    1 
ATOM   70  O  O    . LEU A 1 6  ? 1.06566  2.54394  -0.08539 1.000 7.15564  ? 6   LEU A O    1 
ATOM   71  C  CB   . LEU A 1 6  ? 2.75721  0.23204  1.62857  1.000 7.34972  ? 6   LEU A CB   1 
ATOM   72  C  CG   . LEU A 1 6  ? 3.83299  1.29153  1.44736  1.000 8.68699  ? 6   LEU A CG   1 
ATOM   73  C  CD1  . LEU A 1 6  ? 3.64054  2.45288  2.41381  1.000 9.72039  ? 6   LEU A CD1  1 
ATOM   74  C  CD2  . LEU A 1 6  ? 5.21014  0.65950  1.62374  1.000 10.14292 ? 6   LEU A CD2  1 
ATOM   75  H  H    . LEU A 1 6  ? 0.77101  -1.19814 1.62034  1.000 7.53623  ? 6   LEU A H    1 
ATOM   76  H  HA   . LEU A 1 6  ? 1.13155  1.37363  2.08441  1.000 7.29016  ? 6   LEU A HA   1 
ATOM   77  H  HB2  . LEU A 1 6  ? 2.83631  -0.10476 2.53478  1.000 8.77980  ? 6   LEU A HB2  1 
ATOM   78  H  HB3  . LEU A 1 6  ? 2.94351  -0.47720 0.99361  1.000 8.77980  ? 6   LEU A HB3  1 
ATOM   79  H  HG   . LEU A 1 6  ? 3.76939  1.65755  0.55133  1.000 10.38453 ? 6   LEU A HG   1 
ATOM   80  H  HD11 . LEU A 1 6  ? 4.35549  3.09508  2.28216  1.000 11.62461 ? 6   LEU A HD11 1 
ATOM   81  H  HD12 . LEU A 1 6  ? 2.78337  2.87144  2.23783  1.000 11.62461 ? 6   LEU A HD12 1 
ATOM   82  H  HD13 . LEU A 1 6  ? 3.66305  2.11451  3.32260  1.000 11.62461 ? 6   LEU A HD13 1 
ATOM   83  H  HD21 . LEU A 1 6  ? 5.88767  1.34719  1.52925  1.000 12.13164 ? 6   LEU A HD21 1 
ATOM   84  H  HD22 . LEU A 1 6  ? 5.26405  0.26111  2.50652  1.000 12.13164 ? 6   LEU A HD22 1 
ATOM   85  H  HD23 . LEU A 1 6  ? 5.33397  -0.02233 0.94502  1.000 12.13164 ? 6   LEU A HD23 1 
ATOM   86  N  N    . HIS A 1 7  ? 1.05426  0.49585  -0.99103 1.000 7.47159  ? 7   HIS A N    1 
ATOM   87  C  CA   . HIS A 1 7  ? 0.95049  1.06187  -2.33105 1.000 7.94827  ? 7   HIS A CA   1 
ATOM   88  C  C    . HIS A 1 7  ? -0.40000 1.72026  -2.58013 1.000 8.22542  ? 7   HIS A C    1 
ATOM   89  O  O    . HIS A 1 7  ? -0.47680 2.68761  -3.34274 1.000 9.26700  ? 7   HIS A O    1 
ATOM   90  C  CB   . HIS A 1 7  ? 1.30080  0.00799  -3.36244 1.000 8.60240  ? 7   HIS A CB   1 
ATOM   91  C  CG   . HIS A 1 7  ? 2.77249  -0.12208 -3.55290 1.000 9.51107  ? 7   HIS A CG   1 
ATOM   92  N  ND1  . HIS A 1 7  ? 3.49896  0.79508  -4.27546 1.000 11.24413 ? 7   HIS A ND1  1 
ATOM   93  C  CD2  . HIS A 1 7  ? 3.67684  -0.95864 -2.99390 1.000 9.37612  ? 7   HIS A CD2  1 
ATOM   94  C  CE1  . HIS A 1 7  ? 4.77740  0.46981  -4.23388 1.000 11.07753 ? 7   HIS A CE1  1 
ATOM   95  N  NE2  . HIS A 1 7  ? 4.91577  -0.58621 -3.45526 1.000 10.01217 ? 7   HIS A NE2  1 
ATOM   96  H  H    . HIS A 1 7  ? 1.05686  -0.36305 -0.94777 1.000 8.92604  ? 7   HIS A H    1 
ATOM   97  H  HA   . HIS A 1 7  ? 1.60305  1.77215  -2.43394 1.000 9.49805  ? 7   HIS A HA   1 
ATOM   98  H  HB2  . HIS A 1 7  ? 0.95594  -0.85029 -3.07034 1.000 10.28301 ? 7   HIS A HB2  1 
ATOM   99  H  HB3  . HIS A 1 7  ? 0.90537  0.25204  -4.21389 1.000 10.28301 ? 7   HIS A HB3  1 
ATOM   100 H  HD1  . HIS A 1 7  ? 3.17161  1.47408  -4.68947 1.000 13.45309 ? 7   HIS A HD1  1 
ATOM   101 H  HD2  . HIS A 1 7  ? 3.49375  -1.65607 -2.40655 1.000 11.21148 ? 7   HIS A HD2  1 
ATOM   102 H  HE1  . HIS A 1 7  ? 5.46494  0.91077  -4.67857 1.000 13.25317 ? 7   HIS A HE1  1 
ATOM   103 N  N    . ALA A 1 8  ? -1.45260 1.26814  -1.91491 1.000 7.74429  ? 8   ALA A N    1 
ATOM   104 C  CA   . ALA A 1 8  ? -2.73270 1.95577  -2.02057 1.000 8.46977  ? 8   ALA A CA   1 
ATOM   105 C  C    . ALA A 1 8  ? -2.64931 3.33284  -1.36648 1.000 7.90862  ? 8   ALA A C    1 
ATOM   106 O  O    . ALA A 1 8  ? -3.09062 4.33694  -1.94258 1.000 8.41750  ? 8   ALA A O    1 
ATOM   107 C  CB   . ALA A 1 8  ? -3.83948 1.13898  -1.39880 1.000 8.94017  ? 8   ALA A CB   1 
ATOM   108 H  H    . ALA A 1 8  ? -1.45265 0.57656  -1.40372 1.000 9.25328  ? 8   ALA A H    1 
ATOM   109 H  HA   . ALA A 1 8  ? -2.95294 2.07079  -2.95822 1.000 10.12386 ? 8   ALA A HA   1 
ATOM   110 H  HB1  . ALA A 1 8  ? -4.67973 1.61131  -1.50731 1.000 10.68834 ? 8   ALA A HB1  1 
ATOM   111 H  HB2  . ALA A 1 8  ? -3.88431 0.27786  -1.84307 1.000 10.68834 ? 8   ALA A HB2  1 
ATOM   112 H  HB3  . ALA A 1 8  ? -3.64903 1.01514  -0.45577 1.000 10.68834 ? 8   ALA A HB3  1 
HETATM 113 N  N    . AIB A 1 9  ? -2.04574 3.38443  -0.18523 1.000 7.10205  ? 9   AIB A N    1 
HETATM 114 C  CA   . AIB A 1 9  ? -1.90140 4.62599  0.55338  1.000 7.60395  ? 9   AIB A CA   1 
HETATM 115 C  C    . AIB A 1 9  ? -1.13520 5.66973  -0.26337 1.000 7.15219  ? 9   AIB A C    1 
HETATM 116 O  O    . AIB A 1 9  ? -1.42407 6.85222  -0.27300 1.000 7.41537  ? 9   AIB A O    1 
HETATM 117 C  CB1  . AIB A 1 9  ? -3.27565 5.21865  0.94396  1.000 7.81515  ? 9   AIB A CB1  1 
HETATM 118 C  CB2  . AIB A 1 9  ? -1.09231 4.36747  1.83135  1.000 7.51857  ? 9   AIB A CB2  1 
HETATM 119 H  H    . AIB A 1 9  ? -1.36872 2.71767  0.12953  1.000 8.48259  ? 9   AIB A H    1 
HETATM 120 H  HB11 . AIB A 1 9  ? -3.85589 4.46812  1.53173  1.000 9.33831  ? 9   AIB A HB11 1 
HETATM 121 H  HB12 . AIB A 1 9  ? -3.84633 5.48486  0.02259  1.000 9.33831  ? 9   AIB A HB12 1 
HETATM 122 H  HB13 . AIB A 1 9  ? -3.12797 6.13561  1.56268  1.000 9.33831  ? 9   AIB A HB13 1 
HETATM 123 H  HB21 . AIB A 1 9  ? -0.99875 5.32238  2.40327  1.000 8.98241  ? 9   AIB A HB21 1 
HETATM 124 H  HB22 . AIB A 1 9  ? -0.07842 3.99151  1.55140  1.000 8.98241  ? 9   AIB A HB22 1 
HETATM 125 H  HB23 . AIB A 1 9  ? -1.62277 3.60417  2.45076  1.000 8.98241  ? 9   AIB A HB23 1 
ATOM   126 N  N    . LEU A 1 10 ? -0.10813 5.18512  -0.95766 1.000 7.40340  ? 10  LEU A N    1 
ATOM   127 C  CA   . LEU A 1 10 ? 0.77569  6.03474  -1.75497 1.000 7.66486  ? 10  LEU A CA   1 
ATOM   128 C  C    . LEU A 1 10 ? 0.16577  6.48225  -3.07751 1.000 8.73498  ? 10  LEU A C    1 
ATOM   129 O  O    . LEU A 1 10 ? 0.64255  7.42386  -3.70739 1.000 9.40246  ? 10  LEU A O    1 
ATOM   130 C  CB   . LEU A 1 10 ? 2.09967  5.32311  -2.00658 1.000 7.79256  ? 10  LEU A CB   1 
ATOM   131 C  CG   . LEU A 1 10 ? 2.96751  5.14173  -0.76320 1.000 8.63704  ? 10  LEU A CG   1 
ATOM   132 C  CD1  . LEU A 1 10 ? 4.25617  4.44151  -1.12400 1.000 9.15065  ? 10  LEU A CD1  1 
ATOM   133 C  CD2  . LEU A 1 10 ? 3.26155  6.48132  -0.10035 1.000 8.94538  ? 10  LEU A CD2  1 
ATOM   134 H  H    . LEU A 1 10 ? 0.10279  4.35182  -0.98445 1.000 8.84421  ? 10  LEU A H    1 
ATOM   135 H  HA   . LEU A 1 10 ? 0.93625  6.84450  -1.24565 1.000 9.15796  ? 10  LEU A HA   1 
ATOM   136 H  HB2  . LEU A 1 10 ? 1.91248  4.44147  -2.36515 1.000 9.31121  ? 10  LEU A HB2  1 
ATOM   137 H  HB3  . LEU A 1 10 ? 2.61071  5.84064  -2.64838 1.000 9.31121  ? 10  LEU A HB3  1 
ATOM   138 H  HG   . LEU A 1 10 ? 2.48530  4.59458  -0.12367 1.000 10.32458 ? 10  LEU A HG   1 
ATOM   139 H  HD11 . LEU A 1 10 ? 4.77574  4.30075  -0.31707 1.000 10.94091 ? 10  LEU A HD11 1 
ATOM   140 H  HD12 . LEU A 1 10 ? 4.04745  3.58853  -1.53603 1.000 10.94091 ? 10  LEU A HD12 1 
ATOM   141 H  HD13 . LEU A 1 10 ? 4.75367  4.99601  -1.74523 1.000 10.94091 ? 10  LEU A HD13 1 
ATOM   142 H  HD21 . LEU A 1 10 ? 3.96066  6.35973  0.56098  1.000 10.69458 ? 10  LEU A HD21 1 
ATOM   143 H  HD22 . LEU A 1 10 ? 3.55292  7.11161  -0.77766 1.000 10.69458 ? 10  LEU A HD22 1 
ATOM   144 H  HD23 . LEU A 1 10 ? 2.45393  6.80580  0.32788  1.000 10.69458 ? 10  LEU A HD23 1 
HETATM 145 N  N    . NH2 A 1 11 ? -0.89184 5.69094  -3.61662 1.000 9.68771  ? 11  NH2 A N    1 
HETATM 146 H  HN1  . NH2 A 1 11 ? -1.13790 6.47081  -3.96720 1.000 11.58538 ? 11  NH2 A HN1  1 
HETATM 147 H  HN2  . NH2 A 1 11 ? -1.57229 5.13556  -3.76479 1.000 11.58538 ? 11  NH2 A HN2  1 
HETATM 148 C  C    . MOH B 2 .  ? -1.75861 5.82597  -6.65507 1.000 31.46151 ? 101 MOH A C    1 
HETATM 149 O  O    . MOH B 2 .  ? -2.82635 5.86985  -5.74043 1.000 31.77655 ? 101 MOH A O    1 
HETATM 150 H  H1   . MOH B 2 .  ? -1.78819 5.01331  -7.18436 1.000 37.71395 ? 101 MOH A H1   1 
HETATM 151 H  H2   . MOH B 2 .  ? -0.90842 5.88603  -6.19375 1.000 37.71395 ? 101 MOH A H2   1 
HETATM 152 H  H3   . MOH B 2 .  ? -1.88000 6.59944  -7.22761 1.000 37.71395 ? 101 MOH A H3   1 
HETATM 153 H  HO   . MOH B 2 .  ? -3.28553 5.16447  -5.85847 1.000 38.09199 ? 101 MOH A HO   1 
HETATM 154 C  C    . MOH C 2 .  ? -5.89793 4.73880  -3.97141 1.000 22.60797 ? 102 MOH A C    1 
HETATM 155 O  O    . MOH C 2 .  ? -4.65120 4.13162  -4.23202 1.000 22.73487 ? 102 MOH A O    1 
HETATM 156 H  H1   . MOH C 2 .  ? -6.45290 4.16637  -3.41869 1.000 27.08970 ? 102 MOH A H1   1 
HETATM 157 H  H2   . MOH C 2 .  ? -6.36514 4.94785  -4.79545 1.000 27.08970 ? 102 MOH A H2   1 
HETATM 158 H  H3   . MOH C 2 .  ? -5.68635 5.55563  -3.49382 1.000 27.08970 ? 102 MOH A H3   1 
HETATM 159 H  HO   . MOH C 2 .  ? -4.16933 4.23477  -3.54008 1.000 27.24198 ? 102 MOH A HO   1 
HETATM 160 CO CO   . CO  D 3 .  ? 6.74747  -1.27204 -3.00396 0.50  10.97932 ? 103 CO  A CO   1 
HETATM 161 O  O    . HOH E 4 .  ? 1.68677  2.95675  -5.08601 1.000 23.68885 ? 201 HOH A O    1 
HETATM 162 O  O    . HOH E 4 .  ? -2.53358 3.00765  -5.77905 1.000 43.09259 ? 202 HOH A O    1 
HETATM 163 O  O    . HOH E 4 .  ? 3.41375  8.37049  -3.88034 1.000 26.31369 ? 203 HOH A O    1 
HETATM 164 O  O    . HOH E 4 .  ? -2.28741 -1.65118 -3.79583 1.000 18.32952 ? 204 HOH A O    1 
HETATM 165 O  O    . HOH E 4 .  ? -1.49250 0.19482  -5.73034 1.000 36.36825 ? 205 HOH A O    1 
# 
loop_
_atom_site_anisotrop.id 
_atom_site_anisotrop.type_symbol 
_atom_site_anisotrop.pdbx_label_atom_id 
_atom_site_anisotrop.pdbx_label_alt_id 
_atom_site_anisotrop.pdbx_label_comp_id 
_atom_site_anisotrop.pdbx_label_asym_id 
_atom_site_anisotrop.pdbx_label_seq_id 
_atom_site_anisotrop.pdbx_PDB_ins_code 
_atom_site_anisotrop.U[1][1] 
_atom_site_anisotrop.U[2][2] 
_atom_site_anisotrop.U[3][3] 
_atom_site_anisotrop.U[1][2] 
_atom_site_anisotrop.U[1][3] 
_atom_site_anisotrop.U[2][3] 
_atom_site_anisotrop.pdbx_auth_seq_id 
_atom_site_anisotrop.pdbx_auth_comp_id 
_atom_site_anisotrop.pdbx_auth_asym_id 
_atom_site_anisotrop.pdbx_auth_atom_id 
1   C  C   . ACE A 1  ? 0.09728 0.06068 0.14204 0.01842  -0.00069 -0.00190 1   ACE A C   
2   O  O   . ACE A 1  ? 0.09595 0.05740 0.15719 0.01907  -0.00822 0.01871  1   ACE A O   
7   N  N   . LEU A 2  ? 0.09081 0.04941 0.13648 0.02125  0.00959  0.01065  2   LEU A N   
8   C  CA  . LEU A 2  ? 0.08543 0.05157 0.13785 0.02132  0.01904  0.02167  2   LEU A CA  
9   C  C   . LEU A 2  ? 0.07703 0.05414 0.13756 0.02493  0.00767  0.01452  2   LEU A C   
10  O  O   . LEU A 2  ? 0.07908 0.04786 0.13214 0.02379  -0.00046 0.00261  2   LEU A O   
11  C  CB  . LEU A 2  ? 0.08130 0.06388 0.15195 0.02565  0.01693  0.02131  2   LEU A CB  
12  C  CG  . LEU A 2  ? 0.09218 0.06476 0.15386 0.01762  -0.00472 0.01425  2   LEU A CG  
13  C  CD1 . LEU A 2  ? 0.10224 0.06311 0.15290 0.01942  -0.01620 -0.00121 2   LEU A CD1 
14  C  CD2 . LEU A 2  ? 0.09665 0.08326 0.16405 0.02368  -0.03150 0.00763  2   LEU A CD2 
26  N  N   . AIB A 3  ? 0.09540 0.05341 0.14729 0.02638  0.01252  0.01268  3   AIB A N   
27  C  CA  . AIB A 3  ? 0.10195 0.06145 0.15589 0.03006  0.01455  0.01459  3   AIB A CA  
28  C  C   . AIB A 3  ? 0.09565 0.06226 0.14395 0.02909  0.00655  0.00758  3   AIB A C   
29  O  O   . AIB A 3  ? 0.09963 0.06924 0.14502 0.03480  0.01479  0.02083  3   AIB A O   
30  C  CB1 . AIB A 3  ? 0.09008 0.09536 0.16274 0.04217  0.01577  0.01716  3   AIB A CB1 
31  C  CB2 . AIB A 3  ? 0.12858 0.07108 0.15861 0.04518  0.01509  0.01443  3   AIB A CB2 
39  N  N   . GLU A 4  ? 0.10952 0.04738 0.14945 0.02039  -0.00658 -0.00237 4   GLU A N   
40  C  CA  . GLU A 4  ? 0.10631 0.05494 0.17494 0.00961  -0.02730 -0.00981 4   GLU A CA  
41  C  C   . GLU A 4  ? 0.07874 0.06454 0.17371 0.01507  -0.01070 0.00608  4   GLU A C   
42  O  O   . GLU A 4  ? 0.08331 0.06882 0.16161 0.01397  -0.01728 0.00841  4   GLU A O   
43  C  CB  . GLU A 4  ? 0.13397 0.10029 0.19509 0.01424  -0.07406 -0.01877 4   GLU A CB  
44  C  CG  . GLU A 4  ? 0.16479 0.11259 0.21373 0.01809  -0.08034 -0.01421 4   GLU A CG  
45  C  CD  . GLU A 4  ? 0.17897 0.09753 0.21124 0.00178  -0.10439 -0.01495 4   GLU A CD  
46  O  OE1 . GLU A 4  ? 0.18392 0.10271 0.22128 0.01349  -0.10252 -0.01129 4   GLU A OE1 
47  O  OE2 . GLU A 4  ? 0.17729 0.10546 0.22120 -0.00741 -0.10841 0.00301  4   GLU A OE2 
54  N  N   . AIB A 5  ? 0.08425 0.05005 0.16631 0.01436  -0.01222 0.00636  5   AIB A N   
55  C  CA  . AIB A 5  ? 0.06467 0.05030 0.14546 0.01525  0.00153  0.00776  5   AIB A CA  
56  C  C   . AIB A 5  ? 0.06484 0.04820 0.13118 0.01492  0.00520  0.00472  5   AIB A C   
57  O  O   . AIB A 5  ? 0.07143 0.04988 0.13612 0.02159  0.01025  0.00465  5   AIB A O   
58  C  CB1 . AIB A 5  ? 0.06039 0.06807 0.14433 0.01631  0.00484  0.00663  5   AIB A CB1 
59  C  CB2 . AIB A 5  ? 0.08398 0.05486 0.14191 0.02130  0.00223  0.01961  5   AIB A CB2 
67  N  N   . LEU A 6  ? 0.06325 0.04846 0.12817 0.01102  -0.00244 -0.00665 6   LEU A N   
68  C  CA  . LEU A 6  ? 0.05735 0.04311 0.13163 0.00703  0.01094  0.00707  6   LEU A CA  
69  C  C   . LEU A 6  ? 0.06689 0.04327 0.13170 0.01190  0.02316  0.01702  6   LEU A C   
70  O  O   . LEU A 6  ? 0.07533 0.05684 0.13972 0.02099  0.00322  -0.00260 6   LEU A O   
71  C  CB  . LEU A 6  ? 0.06555 0.06116 0.15254 0.00876  0.00472  0.01806  6   LEU A CB  
72  C  CG  . LEU A 6  ? 0.07238 0.08658 0.17111 -0.00364 -0.00163 0.02761  6   LEU A CG  
73  C  CD1 . LEU A 6  ? 0.09967 0.09345 0.17620 -0.00678 -0.01941 0.02164  6   LEU A CD1 
74  C  CD2 . LEU A 6  ? 0.08682 0.11374 0.18482 0.01110  0.01186  0.03835  6   LEU A CD2 
86  N  N   . HIS A 7  ? 0.08748 0.05168 0.14472 0.01955  0.01465  0.02276  7   HIS A N   
87  C  CA  . HIS A 7  ? 0.09025 0.05342 0.15833 0.02160  0.01292  0.01475  7   HIS A CA  
88  C  C   . HIS A 7  ? 0.09811 0.05764 0.15678 0.02579  0.00359  0.01559  7   HIS A C   
89  O  O   . HIS A 7  ? 0.10310 0.08332 0.16568 0.03778  0.00189  0.01081  7   HIS A O   
90  C  CB  . HIS A 7  ? 0.09051 0.07697 0.15937 0.01913  -0.00718 0.01213  7   HIS A CB  
91  C  CG  . HIS A 7  ? 0.10532 0.08922 0.16684 0.01919  -0.00761 0.02102  7   HIS A CG  
92  N  ND1 . HIS A 7  ? 0.12711 0.11009 0.19003 0.02708  0.00316  0.04612  7   HIS A ND1 
93  C  CD2 . HIS A 7  ? 0.11422 0.08196 0.16007 0.01147  -0.00427 0.02293  7   HIS A CD2 
94  C  CE1 . HIS A 7  ? 0.11229 0.12315 0.18547 0.03096  0.01484  0.05073  7   HIS A CE1 
95  N  NE2 . HIS A 7  ? 0.10870 0.10055 0.17116 0.02115  0.00589  0.03406  7   HIS A NE2 
103 N  N   . ALA A 8  ? 0.08462 0.05153 0.15809 0.01826  -0.01593 0.00565  8   ALA A N   
104 C  CA  . ALA A 8  ? 0.08809 0.05830 0.17543 0.01825  -0.01916 0.00217  8   ALA A CA  
105 C  C   . ALA A 8  ? 0.07019 0.06383 0.16647 0.02197  -0.01515 -0.00134 8   ALA A C   
106 O  O   . ALA A 8  ? 0.09119 0.06975 0.15888 0.02913  -0.03160 0.00491  8   ALA A O   
107 C  CB  . ALA A 8  ? 0.09149 0.06319 0.18501 0.01306  -0.02668 0.00267  8   ALA A CB  
113 N  N   . AIB A 9  ? 0.06955 0.05000 0.15029 0.01655  -0.00949 0.00526  9   AIB A N   
114 C  CA  . AIB A 9  ? 0.08324 0.05841 0.14727 0.02794  -0.01452 0.00063  9   AIB A CA  
115 C  C   . AIB A 9  ? 0.08613 0.04905 0.13657 0.02395  -0.01353 -0.00614 9   AIB A C   
116 O  O   . AIB A 9  ? 0.09554 0.05145 0.13476 0.03011  0.00703  -0.00190 9   AIB A O   
117 C  CB1 . AIB A 9  ? 0.08336 0.06483 0.14875 0.03060  -0.00389 0.01651  9   AIB A CB1 
118 C  CB2 . AIB A 9  ? 0.08734 0.04947 0.14886 0.02089  -0.01487 -0.00473 9   AIB A CB2 
126 N  N   . LEU A 10 ? 0.09591 0.04790 0.13748 0.02058  -0.01523 -0.00262 10  LEU A N   
127 C  CA  . LEU A 10 ? 0.08926 0.05424 0.14773 0.01871  -0.00700 0.01332  10  LEU A CA  
128 C  C   . LEU A 10 ? 0.09735 0.07344 0.16110 0.02064  -0.00011 0.02710  10  LEU A C   
129 O  O   . LEU A 10 ? 0.11833 0.07021 0.16872 0.02548  -0.00022 0.02827  10  LEU A O   
130 C  CB  . LEU A 10 ? 0.07945 0.06665 0.14998 0.01589  -0.00190 0.00865  10  LEU A CB  
131 C  CG  . LEU A 10 ? 0.08105 0.08138 0.16573 0.01185  0.00469  0.02410  10  LEU A CG  
132 C  CD1 . LEU A 10 ? 0.08097 0.09205 0.17467 0.01775  0.00005  0.02914  10  LEU A CD1 
133 C  CD2 . LEU A 10 ? 0.08516 0.08617 0.16856 0.00548  -0.00174 0.00815  10  LEU A CD2 
145 N  N   . NH2 A 11 ? 0.11370 0.07830 0.17608 0.01134  -0.01196 0.03031  11  NH2 A N   
148 C  C   . MOH B .  ? 0.43540 0.52473 0.23527 -0.08989 -0.14433 0.06507  101 MOH A C   
149 O  O   . MOH B .  ? 0.44645 0.52943 0.23148 -0.08728 -0.14111 0.06892  101 MOH A O   
154 C  C   . MOH C .  ? 0.28551 0.34514 0.22835 0.12480  -0.08805 0.03481  102 MOH A C   
155 O  O   . MOH C .  ? 0.29753 0.34168 0.22461 0.12474  -0.08948 0.03594  102 MOH A O   
160 CO CO  . CO  D .  ? 0.10732 0.10193 0.20791 0.00564  -0.02319 0.02998  103 CO  A CO  
161 O  O   . HOH E .  ? 0.43556 0.19413 0.27037 0.11084  0.02557  0.07470  201 HOH A O   
162 O  O   . HOH E .  ? 0.62165 0.61060 0.40508 -0.12778 -0.09768 0.26440  202 HOH A O   
163 O  O   . HOH E .  ? 0.34728 0.22596 0.42657 -0.02436 -0.10938 0.14837  203 HOH A O   
164 O  O   . HOH E .  ? 0.25517 0.18407 0.25720 0.05202  0.01644  0.00487  204 HOH A O   
165 O  O   . HOH E .  ? 0.44503 0.68049 0.25631 -0.09717 -0.06373 -0.13298 205 HOH A O   
# 
